data_1EEF
#
_entry.id   1EEF
#
_cell.length_a   88.540
_cell.length_b   65.020
_cell.length_c   101.930
_cell.angle_alpha   90.00
_cell.angle_beta   115.47
_cell.angle_gamma   90.00
#
_symmetry.space_group_name_H-M   'P 1 21 1'
#
loop_
_entity.id
_entity.type
_entity.pdbx_description
1 polymer 'PROTEIN (HEAT-LABILE ENTEROTOXIN B CHAIN)'
2 non-polymer alpha-D-galactopyranose
3 non-polymer 2-PHENETHYL-2,3-DIHYDRO-PHTHALAZINE-1,4-DIONE
4 water water
#
_entity_poly.entity_id   1
_entity_poly.type   'polypeptide(L)'
_entity_poly.pdbx_seq_one_letter_code
;APQTITELCSEYRNTQIYTINDKILSYTESMAGKREMVIITFKSGETFQVEVPGSQHIDSQKKAIERMKDTLRITYLTET
KIDKLCVWNNKTPNSIAAISMKN
;
_entity_poly.pdbx_strand_id   D,E,F,G,H,L,M,N,O,P
#
loop_
_chem_comp.id
_chem_comp.type
_chem_comp.name
_chem_comp.formula
GLA D-saccharide, alpha linking alpha-D-galactopyranose 'C6 H12 O6'
I06 non-polymer 2-PHENETHYL-2,3-DIHYDRO-PHTHALAZINE-1,4-DIONE 'C16 H14 N2 O2'
#
# COMPACT_ATOMS: atom_id res chain seq x y z
N ALA A 1 50.93 -23.43 17.23
CA ALA A 1 49.99 -22.31 17.57
C ALA A 1 49.28 -22.71 18.85
N PRO A 2 48.79 -21.73 19.64
CA PRO A 2 48.09 -22.05 20.88
C PRO A 2 46.88 -22.90 20.55
N GLN A 3 46.42 -23.69 21.51
CA GLN A 3 45.29 -24.55 21.22
C GLN A 3 44.04 -24.21 21.95
N THR A 4 44.17 -23.33 22.91
CA THR A 4 43.02 -22.91 23.71
C THR A 4 43.15 -21.39 23.90
N ILE A 5 42.05 -20.76 24.31
CA ILE A 5 42.04 -19.34 24.53
C ILE A 5 43.00 -18.96 25.66
N THR A 6 43.05 -19.79 26.70
CA THR A 6 43.91 -19.52 27.85
C THR A 6 45.35 -19.53 27.42
N GLU A 7 45.68 -20.55 26.63
CA GLU A 7 47.01 -20.73 26.09
C GLU A 7 47.39 -19.48 25.28
N LEU A 8 46.52 -19.07 24.37
CA LEU A 8 46.77 -17.90 23.55
C LEU A 8 46.89 -16.62 24.38
N CYS A 9 45.95 -16.43 25.31
CA CYS A 9 45.94 -15.26 26.16
C CYS A 9 47.23 -15.08 26.94
N SER A 10 47.81 -16.20 27.34
CA SER A 10 49.05 -16.17 28.10
C SER A 10 50.29 -15.68 27.36
N GLU A 11 50.26 -15.70 26.03
CA GLU A 11 51.39 -15.29 25.22
C GLU A 11 51.62 -13.79 25.25
N TYR A 12 50.60 -13.04 25.66
CA TYR A 12 50.67 -11.58 25.70
C TYR A 12 50.80 -11.01 27.11
N ARG A 13 51.32 -9.78 27.21
CA ARG A 13 51.44 -9.07 28.46
C ARG A 13 50.16 -8.23 28.58
N ASN A 14 49.78 -7.88 29.80
CA ASN A 14 48.59 -7.06 30.11
C ASN A 14 47.26 -7.68 29.69
N THR A 15 47.21 -9.00 29.59
CA THR A 15 45.96 -9.69 29.24
C THR A 15 45.58 -10.68 30.34
N GLN A 16 44.31 -11.04 30.37
CA GLN A 16 43.87 -12.00 31.33
C GLN A 16 42.57 -12.59 30.85
N ILE A 17 42.21 -13.71 31.43
CA ILE A 17 40.99 -14.43 31.07
C ILE A 17 39.86 -14.13 32.02
N TYR A 18 38.67 -13.93 31.47
CA TYR A 18 37.48 -13.73 32.27
C TYR A 18 36.52 -14.86 31.89
N THR A 19 36.09 -15.64 32.86
CA THR A 19 35.16 -16.72 32.62
C THR A 19 33.77 -16.09 32.70
N ILE A 20 33.12 -16.00 31.55
CA ILE A 20 31.81 -15.36 31.46
C ILE A 20 30.69 -16.32 31.75
N ASN A 21 30.67 -17.43 31.01
CA ASN A 21 29.66 -18.44 31.13
C ASN A 21 28.27 -17.80 31.14
N ASP A 22 28.03 -16.93 30.17
CA ASP A 22 26.76 -16.22 30.10
C ASP A 22 26.61 -15.58 28.73
N LYS A 23 25.36 -15.24 28.40
CA LYS A 23 25.07 -14.57 27.15
C LYS A 23 25.29 -13.07 27.40
N ILE A 24 25.50 -12.33 26.34
CA ILE A 24 25.70 -10.89 26.44
C ILE A 24 24.42 -10.22 26.91
N LEU A 25 24.54 -9.30 27.85
CA LEU A 25 23.36 -8.59 28.35
C LEU A 25 22.94 -7.45 27.42
N SER A 26 23.89 -6.62 27.01
CA SER A 26 23.57 -5.52 26.11
C SER A 26 24.67 -5.36 25.08
N TYR A 27 24.27 -4.87 23.92
CA TYR A 27 25.14 -4.64 22.79
C TYR A 27 24.98 -3.21 22.32
N THR A 28 26.12 -2.52 22.17
CA THR A 28 26.16 -1.15 21.69
C THR A 28 27.15 -1.04 20.53
N GLU A 29 26.72 -0.37 19.46
CA GLU A 29 27.55 -0.19 18.28
C GLU A 29 27.50 1.29 17.87
N SER A 30 28.65 1.88 17.65
CA SER A 30 28.74 3.27 17.27
C SER A 30 29.51 3.53 15.98
N MET A 31 28.95 4.42 15.16
CA MET A 31 29.61 4.82 13.92
C MET A 31 30.02 6.30 14.03
N ALA A 32 29.92 6.84 15.24
CA ALA A 32 30.32 8.22 15.50
C ALA A 32 31.83 8.35 15.26
N GLY A 33 32.23 9.41 14.57
CA GLY A 33 33.63 9.62 14.27
C GLY A 33 34.56 9.46 15.45
N LYS A 34 35.62 8.68 15.25
CA LYS A 34 36.63 8.44 16.30
C LYS A 34 36.10 7.55 17.41
N ARG A 35 34.86 7.10 17.30
CA ARG A 35 34.29 6.18 18.31
C ARG A 35 33.59 5.03 17.61
N GLU A 36 34.20 4.55 16.54
CA GLU A 36 33.64 3.46 15.74
C GLU A 36 34.04 2.20 16.50
N MET A 37 33.16 1.76 17.40
CA MET A 37 33.45 0.63 18.27
C MET A 37 32.19 -0.10 18.68
N VAL A 38 32.37 -1.15 19.49
CA VAL A 38 31.27 -1.93 20.03
C VAL A 38 31.53 -2.13 21.52
N ILE A 39 30.47 -2.02 22.32
CA ILE A 39 30.52 -2.22 23.77
C ILE A 39 29.50 -3.30 24.16
N ILE A 40 29.94 -4.26 24.98
CA ILE A 40 29.04 -5.29 25.45
C ILE A 40 29.09 -5.31 26.98
N THR A 41 27.99 -5.73 27.59
CA THR A 41 27.93 -5.82 29.04
C THR A 41 27.32 -7.17 29.38
N PHE A 42 27.54 -7.60 30.62
CA PHE A 42 26.99 -8.83 31.16
C PHE A 42 26.29 -8.53 32.48
N LYS A 43 25.26 -9.31 32.80
CA LYS A 43 24.51 -9.16 34.05
C LYS A 43 25.43 -9.07 35.27
N SER A 44 26.64 -9.60 35.12
CA SER A 44 27.67 -9.62 36.13
C SER A 44 28.10 -8.18 36.49
N GLY A 45 27.85 -7.26 35.57
CA GLY A 45 28.25 -5.89 35.76
C GLY A 45 29.46 -5.55 34.90
N GLU A 46 30.12 -6.57 34.33
CA GLU A 46 31.30 -6.36 33.49
C GLU A 46 30.95 -5.69 32.16
N THR A 47 31.83 -4.78 31.74
CA THR A 47 31.69 -4.08 30.48
C THR A 47 33.00 -4.30 29.73
N PHE A 48 32.90 -4.46 28.41
CA PHE A 48 34.06 -4.69 27.59
C PHE A 48 33.85 -3.97 26.27
N GLN A 49 34.96 -3.69 25.58
CA GLN A 49 34.90 -3.04 24.27
C GLN A 49 35.78 -3.71 23.23
N VAL A 50 35.47 -3.43 21.97
CA VAL A 50 36.36 -3.82 20.87
C VAL A 50 36.84 -2.39 20.52
N GLU A 51 38.12 -2.14 20.74
CA GLU A 51 38.65 -0.81 20.50
C GLU A 51 38.51 -0.27 19.09
N VAL A 52 38.48 1.06 19.00
CA VAL A 52 38.45 1.73 17.72
C VAL A 52 39.79 1.34 17.07
N PRO A 53 39.79 1.01 15.77
CA PRO A 53 41.09 0.66 15.20
C PRO A 53 42.09 1.82 15.36
N GLY A 54 43.32 1.53 15.77
CA GLY A 54 44.27 2.62 15.97
C GLY A 54 45.71 2.26 15.75
N SER A 55 46.61 3.18 16.10
CA SER A 55 48.04 2.96 15.93
C SER A 55 48.59 1.74 16.68
N GLN A 56 47.88 1.28 17.71
CA GLN A 56 48.35 0.13 18.46
C GLN A 56 48.15 -1.17 17.68
N HIS A 57 47.35 -1.14 16.62
CA HIS A 57 47.08 -2.36 15.87
C HIS A 57 47.96 -2.50 14.65
N ILE A 58 48.29 -3.72 14.26
CA ILE A 58 49.10 -3.94 13.06
C ILE A 58 48.12 -4.22 11.91
N ASP A 59 48.61 -4.21 10.69
CA ASP A 59 47.70 -4.41 9.57
C ASP A 59 46.88 -5.67 9.59
N SER A 60 47.49 -6.78 9.95
CA SER A 60 46.80 -8.06 10.01
C SER A 60 45.64 -8.05 11.01
N GLN A 61 45.62 -7.09 11.94
CA GLN A 61 44.54 -7.05 12.91
C GLN A 61 43.29 -6.37 12.38
N LYS A 62 43.44 -5.63 11.29
CA LYS A 62 42.33 -4.89 10.70
C LYS A 62 41.08 -5.70 10.38
N LYS A 63 41.23 -6.77 9.62
CA LYS A 63 40.07 -7.60 9.29
C LYS A 63 39.58 -8.34 10.56
N ALA A 64 40.52 -8.70 11.43
CA ALA A 64 40.19 -9.41 12.70
C ALA A 64 39.30 -8.54 13.60
N ILE A 65 39.60 -7.25 13.66
CA ILE A 65 38.78 -6.34 14.45
C ILE A 65 37.36 -6.33 13.94
N GLU A 66 37.20 -6.24 12.62
CA GLU A 66 35.87 -6.20 12.04
C GLU A 66 35.17 -7.54 12.27
N ARG A 67 35.91 -8.63 12.20
CA ARG A 67 35.32 -9.97 12.43
C ARG A 67 34.82 -10.08 13.88
N MET A 68 35.63 -9.63 14.84
CA MET A 68 35.23 -9.73 16.24
C MET A 68 33.90 -9.02 16.47
N LYS A 69 33.73 -7.83 15.87
CA LYS A 69 32.48 -7.09 16.02
C LYS A 69 31.32 -7.87 15.39
N ASP A 70 31.58 -8.48 14.23
CA ASP A 70 30.56 -9.30 13.58
C ASP A 70 30.17 -10.41 14.53
N THR A 71 31.17 -11.07 15.10
CA THR A 71 30.89 -12.16 16.03
C THR A 71 30.04 -11.71 17.24
N LEU A 72 30.43 -10.60 17.88
CA LEU A 72 29.69 -10.14 19.04
C LEU A 72 28.24 -9.83 18.70
N ARG A 73 28.02 -9.23 17.52
CA ARG A 73 26.65 -8.91 17.14
C ARG A 73 25.81 -10.17 16.98
N ILE A 74 26.31 -11.16 16.25
CA ILE A 74 25.52 -12.37 16.06
C ILE A 74 25.38 -13.17 17.34
N THR A 75 26.41 -13.13 18.18
CA THR A 75 26.39 -13.85 19.45
C THR A 75 25.30 -13.25 20.32
N TYR A 76 25.24 -11.93 20.29
CA TYR A 76 24.22 -11.26 21.07
C TYR A 76 22.82 -11.59 20.56
N LEU A 77 22.61 -11.45 19.27
CA LEU A 77 21.29 -11.69 18.71
C LEU A 77 20.79 -13.11 18.89
N THR A 78 21.70 -14.08 18.89
CA THR A 78 21.30 -15.48 19.08
C THR A 78 21.33 -15.91 20.54
N GLU A 79 21.58 -14.98 21.44
CA GLU A 79 21.64 -15.30 22.85
C GLU A 79 22.60 -16.47 23.11
N THR A 80 23.72 -16.49 22.40
CA THR A 80 24.72 -17.55 22.58
C THR A 80 25.59 -17.34 23.82
N LYS A 81 25.80 -18.38 24.58
CA LYS A 81 26.59 -18.27 25.80
C LYS A 81 28.04 -18.08 25.47
N ILE A 82 28.66 -17.11 26.13
CA ILE A 82 30.09 -16.91 25.94
C ILE A 82 30.76 -17.69 27.07
N ASP A 83 31.84 -18.39 26.75
CA ASP A 83 32.61 -19.12 27.73
C ASP A 83 33.58 -18.17 28.38
N LYS A 84 34.67 -17.88 27.65
CA LYS A 84 35.68 -16.97 28.14
C LYS A 84 35.98 -15.83 27.23
N LEU A 85 36.59 -14.80 27.81
CA LEU A 85 37.03 -13.64 27.06
C LEU A 85 38.47 -13.41 27.47
N CYS A 86 39.35 -13.15 26.51
CA CYS A 86 40.73 -12.81 26.84
C CYS A 86 40.72 -11.29 26.57
N VAL A 87 41.10 -10.48 27.57
CA VAL A 87 41.07 -9.03 27.37
C VAL A 87 42.35 -8.36 27.82
N TRP A 88 42.59 -7.17 27.27
CA TRP A 88 43.75 -6.37 27.70
C TRP A 88 43.20 -5.57 28.87
N ASN A 89 43.84 -5.70 30.04
CA ASN A 89 43.39 -4.99 31.25
C ASN A 89 43.97 -3.60 31.39
N ASN A 90 44.63 -3.10 30.34
CA ASN A 90 45.21 -1.77 30.35
C ASN A 90 44.39 -0.72 29.59
N LYS A 91 43.09 -0.99 29.45
CA LYS A 91 42.16 -0.08 28.78
C LYS A 91 40.86 -0.06 29.59
N THR A 92 40.14 1.05 29.52
CA THR A 92 38.86 1.17 30.22
C THR A 92 37.77 1.60 29.23
N PRO A 93 36.77 0.72 29.00
CA PRO A 93 36.63 -0.61 29.61
C PRO A 93 37.65 -1.60 29.05
N ASN A 94 37.73 -2.79 29.63
CA ASN A 94 38.71 -3.78 29.17
C ASN A 94 38.49 -4.10 27.70
N SER A 95 39.58 -4.30 26.99
CA SER A 95 39.52 -4.52 25.56
C SER A 95 39.63 -5.99 25.17
N ILE A 96 38.72 -6.42 24.31
CA ILE A 96 38.67 -7.83 23.90
C ILE A 96 39.75 -8.28 22.92
N ALA A 97 40.45 -9.35 23.28
CA ALA A 97 41.49 -9.90 22.44
C ALA A 97 41.02 -11.18 21.77
N ALA A 98 40.33 -12.03 22.52
CA ALA A 98 39.84 -13.29 21.98
C ALA A 98 38.57 -13.67 22.73
N ILE A 99 37.77 -14.50 22.11
CA ILE A 99 36.53 -14.97 22.68
C ILE A 99 36.37 -16.46 22.40
N SER A 100 35.67 -17.16 23.29
CA SER A 100 35.37 -18.57 23.13
C SER A 100 33.92 -18.81 23.52
N MET A 101 33.27 -19.73 22.81
CA MET A 101 31.88 -20.11 23.06
C MET A 101 31.83 -21.62 23.12
N LYS A 102 31.05 -22.19 24.03
CA LYS A 102 30.99 -23.65 24.12
C LYS A 102 29.60 -24.26 24.27
N ASN A 103 29.43 -25.46 23.69
CA ASN A 103 28.18 -26.21 23.72
C ASN A 103 28.18 -27.37 24.73
N ALA B 1 37.86 -31.04 -11.84
CA ALA B 1 38.03 -30.71 -10.40
C ALA B 1 37.62 -31.91 -9.57
N PRO B 2 38.16 -32.01 -8.34
CA PRO B 2 37.78 -33.14 -7.50
C PRO B 2 36.28 -33.09 -7.22
N GLN B 3 35.68 -34.25 -6.99
CA GLN B 3 34.24 -34.34 -6.76
C GLN B 3 33.89 -34.45 -5.29
N THR B 4 34.83 -34.83 -4.46
CA THR B 4 34.57 -34.96 -3.01
C THR B 4 35.73 -34.38 -2.22
N ILE B 5 35.51 -34.17 -0.93
CA ILE B 5 36.54 -33.65 -0.06
C ILE B 5 37.73 -34.64 0.06
N THR B 6 37.46 -35.93 0.02
CA THR B 6 38.54 -36.91 0.13
C THR B 6 39.40 -36.85 -1.11
N GLU B 7 38.77 -36.70 -2.27
CA GLU B 7 39.52 -36.58 -3.51
C GLU B 7 40.42 -35.36 -3.45
N LEU B 8 39.84 -34.23 -3.06
CA LEU B 8 40.61 -33.00 -2.97
C LEU B 8 41.78 -33.16 -2.02
N CYS B 9 41.48 -33.68 -0.82
CA CYS B 9 42.48 -33.88 0.21
C CYS B 9 43.70 -34.65 -0.29
N SER B 10 43.47 -35.70 -1.09
CA SER B 10 44.54 -36.53 -1.63
C SER B 10 45.49 -35.83 -2.59
N GLU B 11 45.11 -34.65 -3.09
CA GLU B 11 45.98 -33.97 -4.02
C GLU B 11 47.12 -33.31 -3.32
N TYR B 12 47.03 -33.20 -2.00
CA TYR B 12 48.07 -32.50 -1.23
C TYR B 12 48.93 -33.34 -0.32
N ARG B 13 50.12 -32.82 -0.04
CA ARG B 13 51.05 -33.46 0.88
C ARG B 13 50.71 -32.98 2.31
N ASN B 14 51.11 -33.75 3.32
CA ASN B 14 50.85 -33.37 4.73
C ASN B 14 49.37 -33.20 5.10
N THR B 15 48.48 -33.95 4.49
CA THR B 15 47.05 -33.87 4.80
C THR B 15 46.46 -35.23 5.18
N GLN B 16 45.30 -35.19 5.81
CA GLN B 16 44.54 -36.40 6.16
C GLN B 16 43.09 -36.00 6.41
N ILE B 17 42.21 -36.96 6.25
CA ILE B 17 40.79 -36.72 6.46
C ILE B 17 40.39 -37.19 7.85
N TYR B 18 39.67 -36.34 8.57
CA TYR B 18 39.15 -36.73 9.85
C TYR B 18 37.67 -36.81 9.63
N THR B 19 37.09 -37.94 9.99
CA THR B 19 35.67 -38.10 9.89
C THR B 19 35.17 -37.63 11.24
N ILE B 20 34.42 -36.54 11.22
CA ILE B 20 33.90 -35.94 12.44
C ILE B 20 32.49 -36.39 12.78
N ASN B 21 31.54 -36.19 11.87
CA ASN B 21 30.15 -36.58 12.12
C ASN B 21 29.65 -36.03 13.46
N ASP B 22 29.84 -34.75 13.70
CA ASP B 22 29.39 -34.13 14.96
C ASP B 22 29.41 -32.62 14.80
N LYS B 23 28.64 -31.95 15.63
CA LYS B 23 28.60 -30.49 15.59
C LYS B 23 29.83 -30.03 16.34
N ILE B 24 30.22 -28.80 16.14
CA ILE B 24 31.37 -28.21 16.84
C ILE B 24 31.03 -28.03 18.34
N LEU B 25 31.96 -28.40 19.23
CA LEU B 25 31.73 -28.24 20.66
C LEU B 25 32.09 -26.82 21.13
N SER B 26 33.24 -26.29 20.71
CA SER B 26 33.62 -24.92 21.07
C SER B 26 34.23 -24.17 19.91
N TYR B 27 34.08 -22.86 19.97
CA TYR B 27 34.58 -21.96 18.94
C TYR B 27 35.38 -20.88 19.67
N THR B 28 36.58 -20.63 19.16
CA THR B 28 37.48 -19.65 19.73
C THR B 28 37.98 -18.75 18.60
N GLU B 29 37.94 -17.46 18.84
CA GLU B 29 38.38 -16.49 17.84
C GLU B 29 39.26 -15.42 18.47
N SER B 30 40.39 -15.15 17.83
CA SER B 30 41.32 -14.18 18.33
C SER B 30 41.68 -13.08 17.34
N MET B 31 41.72 -11.84 17.83
CA MET B 31 42.14 -10.72 17.00
C MET B 31 43.47 -10.18 17.56
N ALA B 32 44.10 -10.96 18.45
CA ALA B 32 45.37 -10.53 19.03
C ALA B 32 46.45 -10.53 17.94
N GLY B 33 47.31 -9.52 17.96
CA GLY B 33 48.35 -9.42 16.94
C GLY B 33 49.16 -10.68 16.72
N LYS B 34 49.25 -11.12 15.47
CA LYS B 34 50.02 -12.32 15.06
C LYS B 34 49.35 -13.62 15.47
N ARG B 35 48.15 -13.52 16.01
CA ARG B 35 47.41 -14.71 16.43
C ARG B 35 45.97 -14.53 15.95
N GLU B 36 45.82 -13.84 14.81
CA GLU B 36 44.51 -13.60 14.22
C GLU B 36 44.07 -14.94 13.65
N MET B 37 43.38 -15.73 14.45
CA MET B 37 42.98 -17.08 14.04
C MET B 37 41.70 -17.54 14.70
N VAL B 38 41.30 -18.76 14.34
CA VAL B 38 40.13 -19.39 14.89
C VAL B 38 40.49 -20.84 15.26
N ILE B 39 39.98 -21.31 16.40
CA ILE B 39 40.22 -22.68 16.87
C ILE B 39 38.85 -23.31 17.17
N ILE B 40 38.64 -24.55 16.74
CA ILE B 40 37.39 -25.22 17.06
C ILE B 40 37.70 -26.55 17.71
N THR B 41 36.79 -27.06 18.54
CA THR B 41 37.00 -28.38 19.14
C THR B 41 35.70 -29.16 19.08
N PHE B 42 35.84 -30.48 19.21
CA PHE B 42 34.73 -31.42 19.19
C PHE B 42 34.70 -32.24 20.48
N LYS B 43 33.55 -32.82 20.79
CA LYS B 43 33.38 -33.65 21.98
C LYS B 43 34.50 -34.71 22.08
N SER B 44 35.02 -35.12 20.92
CA SER B 44 36.08 -36.12 20.78
C SER B 44 37.40 -35.63 21.37
N GLY B 45 37.52 -34.31 21.51
CA GLY B 45 38.74 -33.71 22.01
C GLY B 45 39.53 -33.10 20.86
N GLU B 46 39.24 -33.55 19.64
CA GLU B 46 39.91 -33.04 18.45
C GLU B 46 39.82 -31.53 18.29
N THR B 47 40.98 -30.89 18.13
CA THR B 47 41.10 -29.46 17.99
C THR B 47 41.67 -29.13 16.63
N PHE B 48 41.18 -28.07 16.01
CA PHE B 48 41.65 -27.68 14.69
C PHE B 48 41.78 -26.16 14.61
N GLN B 49 42.63 -25.66 13.73
CA GLN B 49 42.75 -24.21 13.59
C GLN B 49 42.64 -23.79 12.12
N VAL B 50 42.29 -22.52 11.91
CA VAL B 50 42.36 -21.94 10.57
C VAL B 50 43.57 -21.05 10.89
N GLU B 51 44.67 -21.28 10.20
CA GLU B 51 45.90 -20.53 10.44
C GLU B 51 45.85 -19.03 10.20
N VAL B 52 46.74 -18.32 10.89
CA VAL B 52 46.93 -16.89 10.72
C VAL B 52 47.43 -16.75 9.25
N PRO B 53 46.88 -15.79 8.48
CA PRO B 53 47.37 -15.68 7.11
C PRO B 53 48.89 -15.49 7.10
N GLY B 54 49.58 -16.22 6.23
CA GLY B 54 51.03 -16.10 6.20
C GLY B 54 51.65 -16.37 4.84
N SER B 55 52.98 -16.47 4.80
CA SER B 55 53.69 -16.70 3.56
C SER B 55 53.34 -18.03 2.90
N GLN B 56 52.78 -18.95 3.66
CA GLN B 56 52.42 -20.26 3.11
C GLN B 56 51.12 -20.17 2.32
N HIS B 57 50.55 -18.98 2.23
CA HIS B 57 49.30 -18.86 1.50
C HIS B 57 49.51 -18.04 0.25
N ILE B 58 48.84 -18.42 -0.83
CA ILE B 58 48.95 -17.64 -2.04
C ILE B 58 47.78 -16.66 -2.08
N ASP B 59 47.90 -15.62 -2.90
CA ASP B 59 46.87 -14.61 -3.00
C ASP B 59 45.46 -15.12 -3.08
N SER B 60 45.21 -16.09 -3.95
CA SER B 60 43.88 -16.65 -4.10
C SER B 60 43.35 -17.23 -2.80
N GLN B 61 44.22 -17.55 -1.85
CA GLN B 61 43.73 -18.09 -0.57
C GLN B 61 43.28 -17.09 0.47
N LYS B 62 43.64 -15.82 0.30
CA LYS B 62 43.27 -14.83 1.30
C LYS B 62 41.78 -14.74 1.55
N LYS B 63 40.98 -14.72 0.48
CA LYS B 63 39.53 -14.66 0.69
C LYS B 63 39.04 -15.99 1.20
N ALA B 64 39.70 -17.06 0.76
CA ALA B 64 39.28 -18.40 1.18
C ALA B 64 39.47 -18.60 2.69
N ILE B 65 40.55 -18.03 3.23
CA ILE B 65 40.81 -18.12 4.65
C ILE B 65 39.70 -17.41 5.45
N GLU B 66 39.32 -16.22 4.99
CA GLU B 66 38.26 -15.46 5.65
C GLU B 66 36.89 -16.18 5.60
N ARG B 67 36.59 -16.80 4.45
CA ARG B 67 35.33 -17.54 4.24
C ARG B 67 35.27 -18.74 5.21
N MET B 68 36.37 -19.48 5.31
CA MET B 68 36.40 -20.67 6.17
C MET B 68 36.04 -20.29 7.60
N LYS B 69 36.58 -19.17 8.06
CA LYS B 69 36.30 -18.68 9.42
C LYS B 69 34.82 -18.30 9.52
N ASP B 70 34.31 -17.65 8.48
CA ASP B 70 32.89 -17.30 8.47
C ASP B 70 32.07 -18.59 8.61
N THR B 71 32.43 -19.60 7.84
CA THR B 71 31.72 -20.87 7.85
C THR B 71 31.75 -21.53 9.23
N LEU B 72 32.92 -21.57 9.85
CA LEU B 72 33.00 -22.21 11.16
C LEU B 72 32.14 -21.52 12.19
N ARG B 73 32.12 -20.18 12.19
CA ARG B 73 31.31 -19.46 13.16
C ARG B 73 29.82 -19.77 12.98
N ILE B 74 29.33 -19.73 11.74
CA ILE B 74 27.92 -19.97 11.50
C ILE B 74 27.58 -21.44 11.70
N THR B 75 28.52 -22.33 11.35
CA THR B 75 28.30 -23.75 11.57
C THR B 75 28.17 -24.00 13.08
N TYR B 76 29.04 -23.37 13.85
CA TYR B 76 28.98 -23.50 15.30
C TYR B 76 27.66 -22.97 15.86
N LEU B 77 27.31 -21.75 15.50
CA LEU B 77 26.09 -21.14 15.99
C LEU B 77 24.80 -21.90 15.65
N THR B 78 24.80 -22.62 14.54
CA THR B 78 23.60 -23.35 14.12
C THR B 78 23.59 -24.79 14.55
N GLU B 79 24.66 -25.20 15.22
CA GLU B 79 24.81 -26.59 15.67
C GLU B 79 24.77 -27.52 14.47
N THR B 80 25.34 -27.08 13.37
CA THR B 80 25.33 -27.86 12.15
C THR B 80 26.36 -28.97 12.22
N LYS B 81 25.93 -30.17 11.88
CA LYS B 81 26.78 -31.34 11.92
C LYS B 81 27.89 -31.32 10.84
N ILE B 82 29.15 -31.48 11.26
CA ILE B 82 30.26 -31.54 10.32
C ILE B 82 30.51 -33.00 9.98
N ASP B 83 30.66 -33.28 8.69
CA ASP B 83 30.91 -34.62 8.22
C ASP B 83 32.42 -34.89 8.29
N LYS B 84 33.17 -34.27 7.40
CA LYS B 84 34.61 -34.47 7.39
C LYS B 84 35.40 -33.20 7.38
N LEU B 85 36.66 -33.34 7.75
CA LEU B 85 37.61 -32.26 7.73
C LEU B 85 38.87 -32.75 7.05
N CYS B 86 39.34 -32.01 6.05
CA CYS B 86 40.61 -32.33 5.41
C CYS B 86 41.54 -31.35 6.13
N VAL B 87 42.60 -31.86 6.75
CA VAL B 87 43.53 -31.00 7.52
C VAL B 87 45.01 -31.23 7.20
N TRP B 88 45.84 -30.20 7.34
CA TRP B 88 47.29 -30.37 7.15
C TRP B 88 47.76 -30.81 8.52
N ASN B 89 48.42 -31.96 8.57
CA ASN B 89 48.86 -32.49 9.84
C ASN B 89 50.27 -32.10 10.19
N ASN B 90 50.82 -31.14 9.46
CA ASN B 90 52.16 -30.68 9.75
C ASN B 90 52.08 -29.39 10.57
N LYS B 91 50.96 -29.19 11.26
CA LYS B 91 50.76 -28.01 12.14
C LYS B 91 50.04 -28.43 13.39
N THR B 92 50.20 -27.65 14.46
CA THR B 92 49.51 -27.94 15.72
C THR B 92 48.81 -26.67 16.18
N PRO B 93 47.48 -26.71 16.34
CA PRO B 93 46.56 -27.82 16.06
C PRO B 93 46.54 -28.13 14.57
N ASN B 94 45.91 -29.24 14.21
CA ASN B 94 45.79 -29.57 12.81
C ASN B 94 45.07 -28.41 12.13
N SER B 95 45.60 -28.03 10.98
CA SER B 95 45.12 -26.91 10.18
C SER B 95 44.08 -27.29 9.15
N ILE B 96 42.94 -26.59 9.14
CA ILE B 96 41.88 -26.90 8.22
C ILE B 96 42.11 -26.50 6.76
N ALA B 97 41.97 -27.46 5.86
CA ALA B 97 42.13 -27.23 4.42
C ALA B 97 40.77 -27.21 3.74
N ALA B 98 39.84 -28.05 4.21
CA ALA B 98 38.51 -28.13 3.65
C ALA B 98 37.59 -28.74 4.68
N ILE B 99 36.30 -28.55 4.49
CA ILE B 99 35.32 -29.06 5.42
C ILE B 99 34.11 -29.54 4.61
N SER B 100 33.44 -30.58 5.09
CA SER B 100 32.22 -31.05 4.44
C SER B 100 31.14 -31.14 5.53
N MET B 101 29.92 -30.75 5.17
CA MET B 101 28.80 -30.80 6.10
C MET B 101 27.67 -31.58 5.49
N LYS B 102 27.06 -32.43 6.30
CA LYS B 102 25.93 -33.28 5.93
C LYS B 102 25.30 -33.80 7.22
N ASN B 103 23.98 -33.89 7.27
CA ASN B 103 23.29 -34.34 8.48
C ASN B 103 23.14 -35.87 8.63
N ALA C 1 16.50 -7.61 -19.92
CA ALA C 1 17.34 -8.67 -19.28
C ALA C 1 16.47 -9.92 -19.13
N PRO C 2 17.11 -11.10 -19.00
CA PRO C 2 16.35 -12.32 -18.84
C PRO C 2 15.54 -12.26 -17.54
N GLN C 3 14.38 -12.87 -17.52
CA GLN C 3 13.56 -12.86 -16.31
C GLN C 3 13.37 -14.17 -15.58
N THR C 4 13.97 -15.23 -16.10
CA THR C 4 13.90 -16.51 -15.41
C THR C 4 15.24 -17.16 -15.62
N ILE C 5 15.53 -18.16 -14.83
CA ILE C 5 16.79 -18.88 -14.95
C ILE C 5 16.90 -19.58 -16.30
N THR C 6 15.77 -19.93 -16.89
CA THR C 6 15.72 -20.58 -18.20
C THR C 6 16.10 -19.60 -19.28
N GLU C 7 15.56 -18.38 -19.19
CA GLU C 7 15.90 -17.35 -20.16
C GLU C 7 17.39 -17.03 -20.07
N LEU C 8 17.89 -16.90 -18.86
CA LEU C 8 19.28 -16.60 -18.67
C LEU C 8 20.19 -17.72 -19.18
N CYS C 9 19.84 -18.97 -18.85
CA CYS C 9 20.66 -20.11 -19.26
C CYS C 9 20.71 -20.25 -20.78
N SER C 10 19.68 -19.79 -21.46
CA SER C 10 19.62 -19.88 -22.91
C SER C 10 20.61 -18.94 -23.63
N GLU C 11 21.20 -17.99 -22.90
CA GLU C 11 22.12 -17.03 -23.52
C GLU C 11 23.54 -17.51 -23.66
N TYR C 12 23.86 -18.67 -23.08
CA TYR C 12 25.22 -19.16 -23.12
C TYR C 12 25.41 -20.50 -23.79
N ARG C 13 26.63 -20.73 -24.22
CA ARG C 13 27.06 -21.97 -24.83
C ARG C 13 27.44 -22.92 -23.67
N ASN C 14 27.46 -24.22 -23.93
CA ASN C 14 27.83 -25.25 -22.94
C ASN C 14 27.01 -25.29 -21.65
N THR C 15 25.76 -24.82 -21.67
CA THR C 15 24.95 -24.85 -20.46
C THR C 15 23.67 -25.65 -20.59
N GLN C 16 23.09 -25.99 -19.45
CA GLN C 16 21.82 -26.70 -19.44
C GLN C 16 21.16 -26.50 -18.10
N ILE C 17 19.85 -26.63 -18.09
CA ILE C 17 19.06 -26.48 -16.88
C ILE C 17 18.78 -27.84 -16.28
N TYR C 18 19.01 -27.95 -14.97
CA TYR C 18 18.73 -29.17 -14.22
C TYR C 18 17.64 -28.78 -13.21
N THR C 19 16.55 -29.54 -13.19
CA THR C 19 15.48 -29.28 -12.23
C THR C 19 15.79 -30.18 -11.04
N ILE C 20 16.18 -29.56 -9.95
CA ILE C 20 16.53 -30.26 -8.74
C ILE C 20 15.36 -30.51 -7.79
N ASN C 21 14.58 -29.48 -7.50
CA ASN C 21 13.44 -29.61 -6.58
C ASN C 21 13.86 -30.36 -5.30
N ASP C 22 14.92 -29.91 -4.64
CA ASP C 22 15.38 -30.58 -3.42
C ASP C 22 16.44 -29.73 -2.72
N LYS C 23 16.60 -29.94 -1.42
CA LYS C 23 17.61 -29.20 -0.68
C LYS C 23 18.98 -29.83 -0.91
N ILE C 24 20.03 -29.10 -0.57
CA ILE C 24 21.39 -29.60 -0.71
C ILE C 24 21.61 -30.70 0.34
N LEU C 25 22.17 -31.83 -0.07
CA LEU C 25 22.45 -32.92 0.86
C LEU C 25 23.78 -32.66 1.58
N SER C 26 24.80 -32.21 0.84
CA SER C 26 26.06 -31.93 1.47
C SER C 26 26.71 -30.72 0.88
N TYR C 27 27.46 -30.03 1.72
CA TYR C 27 28.17 -28.83 1.33
C TYR C 27 29.63 -29.03 1.67
N THR C 28 30.49 -28.78 0.68
CA THR C 28 31.94 -28.91 0.82
C THR C 28 32.63 -27.60 0.42
N GLU C 29 33.53 -27.15 1.28
CA GLU C 29 34.27 -25.90 1.08
C GLU C 29 35.77 -26.12 1.30
N SER C 30 36.58 -25.63 0.35
CA SER C 30 38.03 -25.76 0.42
C SER C 30 38.77 -24.44 0.29
N MET C 31 39.77 -24.28 1.12
CA MET C 31 40.62 -23.11 1.10
C MET C 31 42.04 -23.55 0.71
N ALA C 32 42.15 -24.79 0.25
CA ALA C 32 43.43 -25.33 -0.17
C ALA C 32 43.88 -24.60 -1.42
N GLY C 33 45.16 -24.28 -1.48
CA GLY C 33 45.72 -23.55 -2.61
C GLY C 33 45.41 -24.17 -3.95
N LYS C 34 44.85 -23.36 -4.85
CA LYS C 34 44.46 -23.77 -6.20
C LYS C 34 43.19 -24.62 -6.22
N ARG C 35 42.57 -24.81 -5.06
CA ARG C 35 41.29 -25.55 -5.01
C ARG C 35 40.34 -24.78 -4.10
N GLU C 36 40.36 -23.45 -4.21
CA GLU C 36 39.51 -22.55 -3.44
C GLU C 36 38.13 -22.61 -4.12
N MET C 37 37.32 -23.56 -3.67
CA MET C 37 36.03 -23.81 -4.29
C MET C 37 35.00 -24.37 -3.34
N VAL C 38 33.80 -24.56 -3.87
CA VAL C 38 32.71 -25.15 -3.11
C VAL C 38 32.13 -26.27 -3.97
N ILE C 39 31.69 -27.34 -3.32
CA ILE C 39 31.07 -28.46 -4.01
C ILE C 39 29.81 -28.81 -3.24
N ILE C 40 28.71 -29.01 -3.96
CA ILE C 40 27.46 -29.40 -3.29
C ILE C 40 26.95 -30.67 -3.94
N THR C 41 26.21 -31.48 -3.19
CA THR C 41 25.64 -32.69 -3.77
C THR C 41 24.21 -32.79 -3.24
N PHE C 42 23.38 -33.49 -4.00
CA PHE C 42 21.99 -33.74 -3.64
C PHE C 42 21.83 -35.22 -3.31
N LYS C 43 20.66 -35.60 -2.79
CA LYS C 43 20.42 -36.99 -2.42
C LYS C 43 20.67 -37.98 -3.57
N SER C 44 20.39 -37.54 -4.80
CA SER C 44 20.60 -38.39 -5.97
C SER C 44 22.08 -38.73 -6.11
N GLY C 45 22.91 -37.87 -5.53
CA GLY C 45 24.35 -38.04 -5.62
C GLY C 45 24.95 -37.05 -6.60
N GLU C 46 24.08 -36.37 -7.36
CA GLU C 46 24.54 -35.39 -8.33
C GLU C 46 25.35 -34.30 -7.65
N THR C 47 26.49 -34.00 -8.23
CA THR C 47 27.42 -33.05 -7.65
C THR C 47 27.70 -31.86 -8.57
N PHE C 48 27.84 -30.69 -7.96
CA PHE C 48 28.13 -29.48 -8.72
C PHE C 48 29.18 -28.69 -7.99
N GLN C 49 29.80 -27.76 -8.69
CA GLN C 49 30.82 -26.94 -8.08
C GLN C 49 30.69 -25.47 -8.46
N VAL C 50 31.29 -24.62 -7.64
CA VAL C 50 31.42 -23.21 -7.98
C VAL C 50 32.93 -23.27 -8.24
N GLU C 51 33.31 -22.96 -9.46
CA GLU C 51 34.71 -23.02 -9.89
C GLU C 51 35.66 -22.08 -9.20
N VAL C 52 36.93 -22.48 -9.15
CA VAL C 52 38.00 -21.67 -8.62
C VAL C 52 38.08 -20.49 -9.61
N PRO C 53 38.23 -19.25 -9.11
CA PRO C 53 38.31 -18.14 -10.07
C PRO C 53 39.48 -18.35 -11.02
N GLY C 54 39.26 -18.07 -12.28
CA GLY C 54 40.34 -18.25 -13.23
C GLY C 54 40.24 -17.34 -14.43
N SER C 55 41.07 -17.62 -15.43
CA SER C 55 41.11 -16.86 -16.66
C SER C 55 39.79 -16.82 -17.42
N GLN C 56 38.95 -17.84 -17.22
CA GLN C 56 37.70 -17.87 -17.92
C GLN C 56 36.69 -16.91 -17.29
N HIS C 57 37.05 -16.28 -16.19
CA HIS C 57 36.14 -15.34 -15.54
C HIS C 57 36.53 -13.88 -15.83
N ILE C 58 35.54 -13.03 -16.11
CA ILE C 58 35.82 -11.62 -16.33
C ILE C 58 35.74 -10.95 -14.95
N ASP C 59 36.21 -9.71 -14.85
CA ASP C 59 36.20 -9.02 -13.59
C ASP C 59 34.90 -8.91 -12.81
N SER C 60 33.80 -8.67 -13.52
CA SER C 60 32.51 -8.54 -12.88
C SER C 60 32.08 -9.84 -12.22
N GLN C 61 32.65 -10.96 -12.65
CA GLN C 61 32.28 -12.22 -12.05
C GLN C 61 32.96 -12.49 -10.72
N LYS C 62 34.05 -11.77 -10.43
CA LYS C 62 34.75 -12.01 -9.18
C LYS C 62 33.84 -11.89 -7.95
N LYS C 63 33.11 -10.79 -7.82
CA LYS C 63 32.21 -10.66 -6.67
C LYS C 63 31.07 -11.67 -6.77
N ALA C 64 30.66 -12.00 -8.00
CA ALA C 64 29.55 -12.93 -8.20
C ALA C 64 29.93 -14.34 -7.75
N ILE C 65 31.16 -14.72 -8.00
CA ILE C 65 31.62 -16.05 -7.59
C ILE C 65 31.55 -16.16 -6.08
N GLU C 66 32.03 -15.14 -5.40
CA GLU C 66 32.02 -15.10 -3.94
C GLU C 66 30.58 -15.13 -3.39
N ARG C 67 29.68 -14.44 -4.08
CA ARG C 67 28.28 -14.38 -3.65
C ARG C 67 27.62 -15.77 -3.80
N MET C 68 27.88 -16.42 -4.93
CA MET C 68 27.31 -17.74 -5.18
C MET C 68 27.71 -18.69 -4.06
N LYS C 69 28.99 -18.64 -3.65
CA LYS C 69 29.45 -19.49 -2.55
C LYS C 69 28.73 -19.12 -1.23
N ASP C 70 28.55 -17.81 -0.98
CA ASP C 70 27.84 -17.41 0.23
C ASP C 70 26.43 -17.98 0.15
N THR C 71 25.82 -17.88 -1.02
CA THR C 71 24.45 -18.37 -1.19
C THR C 71 24.33 -19.86 -0.94
N LEU C 72 25.18 -20.65 -1.54
CA LEU C 72 25.10 -22.11 -1.36
C LEU C 72 25.24 -22.49 0.11
N ARG C 73 26.17 -21.86 0.79
CA ARG C 73 26.35 -22.12 2.22
C ARG C 73 25.08 -21.86 3.04
N ILE C 74 24.52 -20.66 2.91
CA ILE C 74 23.31 -20.32 3.65
C ILE C 74 22.10 -21.16 3.21
N THR C 75 22.00 -21.53 1.94
CA THR C 75 20.84 -22.34 1.55
C THR C 75 20.99 -23.74 2.15
N TYR C 76 22.23 -24.23 2.22
CA TYR C 76 22.42 -25.54 2.81
C TYR C 76 22.03 -25.49 4.29
N LEU C 77 22.51 -24.47 4.99
CA LEU C 77 22.26 -24.35 6.41
C LEU C 77 20.79 -24.19 6.75
N THR C 78 20.06 -23.51 5.88
CA THR C 78 18.64 -23.31 6.14
C THR C 78 17.77 -24.43 5.58
N GLU C 79 18.41 -25.43 4.97
CA GLU C 79 17.70 -26.54 4.35
C GLU C 79 16.67 -26.05 3.35
N THR C 80 17.09 -25.07 2.58
CA THR C 80 16.24 -24.46 1.56
C THR C 80 16.25 -25.28 0.29
N LYS C 81 15.06 -25.51 -0.28
CA LYS C 81 14.94 -26.26 -1.52
C LYS C 81 15.45 -25.47 -2.73
N ILE C 82 16.25 -26.12 -3.55
CA ILE C 82 16.74 -25.53 -4.79
C ILE C 82 15.79 -26.00 -5.87
N ASP C 83 15.32 -25.06 -6.69
CA ASP C 83 14.41 -25.42 -7.76
C ASP C 83 15.20 -25.90 -8.95
N LYS C 84 15.89 -24.99 -9.62
CA LYS C 84 16.68 -25.38 -10.76
C LYS C 84 18.11 -24.85 -10.66
N LEU C 85 18.97 -25.40 -11.50
CA LEU C 85 20.34 -24.95 -11.63
C LEU C 85 20.70 -24.83 -13.11
N CYS C 86 21.32 -23.71 -13.49
CA CYS C 86 21.79 -23.56 -14.87
C CYS C 86 23.27 -23.84 -14.69
N VAL C 87 23.79 -24.84 -15.36
CA VAL C 87 25.20 -25.19 -15.19
C VAL C 87 25.95 -25.36 -16.50
N TRP C 88 27.27 -25.15 -16.47
CA TRP C 88 28.09 -25.35 -17.66
C TRP C 88 28.39 -26.82 -17.60
N ASN C 89 28.15 -27.55 -18.68
CA ASN C 89 28.42 -28.98 -18.65
C ASN C 89 29.76 -29.34 -19.25
N ASN C 90 30.64 -28.37 -19.47
CA ASN C 90 31.97 -28.70 -20.00
C ASN C 90 33.00 -28.79 -18.88
N LYS C 91 32.53 -28.96 -17.66
CA LYS C 91 33.38 -29.09 -16.47
C LYS C 91 32.86 -30.23 -15.60
N THR C 92 33.74 -30.83 -14.82
CA THR C 92 33.38 -31.90 -13.90
C THR C 92 33.98 -31.61 -12.51
N PRO C 93 33.12 -31.45 -11.48
CA PRO C 93 31.65 -31.52 -11.51
C PRO C 93 31.09 -30.43 -12.41
N ASN C 94 29.81 -30.53 -12.75
CA ASN C 94 29.19 -29.50 -13.57
C ASN C 94 29.28 -28.22 -12.76
N SER C 95 29.53 -27.12 -13.47
CA SER C 95 29.76 -25.81 -12.87
C SER C 95 28.53 -24.88 -12.82
N ILE C 96 28.23 -24.39 -11.61
CA ILE C 96 27.08 -23.55 -11.41
C ILE C 96 27.19 -22.15 -12.02
N ALA C 97 26.25 -21.85 -12.91
CA ALA C 97 26.19 -20.53 -13.53
C ALA C 97 25.08 -19.71 -12.85
N ALA C 98 23.95 -20.35 -12.56
CA ALA C 98 22.83 -19.69 -11.91
C ALA C 98 22.05 -20.70 -11.11
N ILE C 99 21.27 -20.21 -10.14
CA ILE C 99 20.47 -21.05 -9.28
C ILE C 99 19.13 -20.38 -9.02
N SER C 100 18.08 -21.18 -8.82
CA SER C 100 16.75 -20.66 -8.48
C SER C 100 16.23 -21.48 -7.30
N MET C 101 15.50 -20.82 -6.42
CA MET C 101 14.91 -21.46 -5.25
C MET C 101 13.47 -20.99 -5.18
N LYS C 102 12.56 -21.89 -4.91
CA LYS C 102 11.15 -21.57 -4.85
C LYS C 102 10.35 -22.17 -3.68
N ASN C 103 9.41 -21.36 -3.17
CA ASN C 103 8.50 -21.71 -2.07
C ASN C 103 7.05 -21.84 -2.58
N ALA D 1 16.51 14.54 3.80
CA ALA D 1 16.38 13.21 3.13
C ALA D 1 14.93 12.75 3.18
N PRO D 2 14.53 11.87 2.26
CA PRO D 2 13.16 11.38 2.26
C PRO D 2 12.89 10.54 3.50
N GLN D 3 11.62 10.48 3.88
CA GLN D 3 11.23 9.76 5.07
C GLN D 3 10.49 8.46 4.85
N THR D 4 10.10 8.20 3.61
CA THR D 4 9.42 6.96 3.25
C THR D 4 9.92 6.54 1.88
N ILE D 5 9.71 5.27 1.56
CA ILE D 5 10.12 4.76 0.27
C ILE D 5 9.37 5.47 -0.84
N THR D 6 8.15 5.91 -0.58
CA THR D 6 7.41 6.57 -1.63
C THR D 6 7.93 7.97 -1.91
N GLU D 7 8.34 8.70 -0.87
CA GLU D 7 8.88 10.04 -1.06
C GLU D 7 10.16 9.86 -1.86
N LEU D 8 10.93 8.86 -1.48
CA LEU D 8 12.20 8.63 -2.15
C LEU D 8 11.95 8.23 -3.60
N CYS D 9 10.97 7.40 -3.84
CA CYS D 9 10.68 6.93 -5.19
C CYS D 9 10.32 8.04 -6.11
N SER D 10 9.54 8.98 -5.60
CA SER D 10 9.07 10.10 -6.39
C SER D 10 10.16 11.10 -6.80
N GLU D 11 11.37 10.99 -6.22
CA GLU D 11 12.45 11.91 -6.60
C GLU D 11 13.12 11.51 -7.93
N TYR D 12 12.75 10.36 -8.46
CA TYR D 12 13.36 9.86 -9.66
C TYR D 12 12.36 9.70 -10.78
N ARG D 13 12.86 9.81 -12.01
CA ARG D 13 12.02 9.64 -13.18
C ARG D 13 11.96 8.15 -13.54
N ASN D 14 10.90 7.75 -14.24
CA ASN D 14 10.74 6.34 -14.68
C ASN D 14 10.62 5.35 -13.54
N THR D 15 10.05 5.78 -12.42
CA THR D 15 9.87 4.86 -11.30
C THR D 15 8.43 4.79 -10.85
N GLN D 16 8.14 3.73 -10.12
CA GLN D 16 6.81 3.55 -9.55
C GLN D 16 6.93 2.59 -8.39
N ILE D 17 5.98 2.72 -7.49
CA ILE D 17 5.91 1.90 -6.29
C ILE D 17 4.96 0.72 -6.53
N TYR D 18 5.43 -0.50 -6.26
CA TYR D 18 4.55 -1.66 -6.33
C TYR D 18 4.40 -2.06 -4.86
N THR D 19 3.17 -2.12 -4.38
CA THR D 19 2.92 -2.53 -3.02
C THR D 19 2.77 -4.02 -3.11
N ILE D 20 3.69 -4.73 -2.47
CA ILE D 20 3.70 -6.18 -2.56
C ILE D 20 2.94 -6.85 -1.39
N ASN D 21 3.33 -6.52 -0.17
CA ASN D 21 2.72 -7.08 1.03
C ASN D 21 2.69 -8.61 0.97
N ASP D 22 3.82 -9.22 0.64
CA ASP D 22 3.92 -10.68 0.52
C ASP D 22 5.39 -11.09 0.53
N LYS D 23 5.66 -12.36 0.79
CA LYS D 23 7.05 -12.82 0.76
C LYS D 23 7.41 -13.11 -0.68
N ILE D 24 8.73 -13.26 -0.94
CA ILE D 24 9.20 -13.57 -2.29
C ILE D 24 8.82 -15.02 -2.64
N LEU D 25 8.28 -15.25 -3.83
CA LEU D 25 7.95 -16.60 -4.25
C LEU D 25 9.22 -17.33 -4.69
N SER D 26 9.99 -16.73 -5.59
CA SER D 26 11.22 -17.38 -6.05
C SER D 26 12.39 -16.42 -6.09
N TYR D 27 13.60 -16.97 -5.83
CA TYR D 27 14.81 -16.15 -5.86
C TYR D 27 15.75 -16.77 -6.90
N THR D 28 16.26 -15.96 -7.80
CA THR D 28 17.18 -16.43 -8.84
C THR D 28 18.46 -15.60 -8.80
N GLU D 29 19.59 -16.28 -8.89
CA GLU D 29 20.89 -15.59 -8.83
C GLU D 29 21.84 -16.17 -9.88
N SER D 30 22.53 -15.27 -10.58
CA SER D 30 23.45 -15.64 -11.64
C SER D 30 24.85 -15.03 -11.50
N MET D 31 25.85 -15.87 -11.74
CA MET D 31 27.25 -15.41 -11.73
C MET D 31 27.80 -15.53 -13.16
N ALA D 32 26.91 -15.77 -14.12
CA ALA D 32 27.32 -15.88 -15.52
C ALA D 32 27.79 -14.52 -16.03
N GLY D 33 28.83 -14.58 -16.84
CA GLY D 33 29.43 -13.38 -17.39
C GLY D 33 28.47 -12.43 -18.03
N LYS D 34 28.47 -11.18 -17.54
CA LYS D 34 27.61 -10.14 -18.07
C LYS D 34 26.17 -10.26 -17.63
N ARG D 35 25.89 -11.26 -16.79
CA ARG D 35 24.55 -11.42 -16.26
C ARG D 35 24.67 -11.65 -14.76
N GLU D 36 25.57 -10.93 -14.13
CA GLU D 36 25.75 -11.03 -12.69
C GLU D 36 24.58 -10.25 -12.09
N MET D 37 23.49 -10.96 -11.80
CA MET D 37 22.29 -10.29 -11.30
C MET D 37 21.45 -11.23 -10.43
N VAL D 38 20.36 -10.69 -9.92
CA VAL D 38 19.41 -11.44 -9.12
C VAL D 38 18.01 -11.11 -9.64
N ILE D 39 17.13 -12.10 -9.67
CA ILE D 39 15.75 -11.89 -10.12
C ILE D 39 14.82 -12.46 -9.07
N ILE D 40 13.75 -11.71 -8.75
CA ILE D 40 12.79 -12.23 -7.79
C ILE D 40 11.42 -12.20 -8.41
N THR D 41 10.54 -13.09 -7.97
CA THR D 41 9.17 -13.10 -8.48
C THR D 41 8.25 -13.32 -7.29
N PHE D 42 7.00 -12.90 -7.47
CA PHE D 42 5.97 -13.06 -6.43
C PHE D 42 4.82 -13.91 -6.94
N LYS D 43 4.03 -14.44 -6.01
CA LYS D 43 2.85 -15.24 -6.36
C LYS D 43 1.93 -14.48 -7.33
N SER D 44 1.98 -13.16 -7.22
CA SER D 44 1.18 -12.22 -8.02
C SER D 44 1.57 -12.32 -9.49
N GLY D 45 2.77 -12.79 -9.77
CA GLY D 45 3.24 -12.89 -11.14
C GLY D 45 4.27 -11.82 -11.44
N GLU D 46 4.34 -10.80 -10.59
CA GLU D 46 5.29 -9.71 -10.75
C GLU D 46 6.71 -10.24 -10.67
N THR D 47 7.58 -9.74 -11.53
CA THR D 47 8.98 -10.18 -11.56
C THR D 47 9.89 -8.96 -11.55
N PHE D 48 10.94 -8.97 -10.72
CA PHE D 48 11.83 -7.82 -10.69
C PHE D 48 13.29 -8.27 -10.68
N GLN D 49 14.17 -7.35 -11.07
CA GLN D 49 15.60 -7.63 -11.09
C GLN D 49 16.42 -6.57 -10.37
N VAL D 50 17.62 -6.97 -9.95
CA VAL D 50 18.59 -6.03 -9.43
C VAL D 50 19.51 -6.08 -10.64
N GLU D 51 19.66 -4.96 -11.35
CA GLU D 51 20.49 -4.93 -12.55
C GLU D 51 21.98 -5.22 -12.34
N VAL D 52 22.59 -5.70 -13.41
CA VAL D 52 24.02 -5.96 -13.46
C VAL D 52 24.64 -4.57 -13.38
N PRO D 53 25.73 -4.40 -12.63
CA PRO D 53 26.34 -3.09 -12.54
C PRO D 53 26.69 -2.60 -13.96
N GLY D 54 26.38 -1.33 -14.24
CA GLY D 54 26.61 -0.81 -15.58
C GLY D 54 27.00 0.65 -15.62
N SER D 55 27.17 1.16 -16.84
CA SER D 55 27.58 2.52 -17.08
C SER D 55 26.63 3.54 -16.48
N GLN D 56 25.40 3.14 -16.19
CA GLN D 56 24.46 4.08 -15.62
C GLN D 56 24.67 4.32 -14.15
N HIS D 57 25.40 3.43 -13.49
CA HIS D 57 25.62 3.54 -12.04
C HIS D 57 26.87 4.29 -11.62
N ILE D 58 26.73 5.09 -10.56
CA ILE D 58 27.88 5.79 -10.02
C ILE D 58 28.53 4.90 -8.96
N ASP D 59 29.78 5.20 -8.60
CA ASP D 59 30.50 4.41 -7.62
C ASP D 59 29.73 4.12 -6.37
N SER D 60 29.04 5.11 -5.85
CA SER D 60 28.28 4.95 -4.62
C SER D 60 27.20 3.88 -4.73
N GLN D 61 26.65 3.68 -5.92
CA GLN D 61 25.60 2.68 -6.07
C GLN D 61 26.14 1.26 -6.12
N LYS D 62 27.42 1.14 -6.45
CA LYS D 62 28.05 -0.16 -6.58
C LYS D 62 27.95 -0.96 -5.29
N LYS D 63 28.35 -0.36 -4.16
CA LYS D 63 28.22 -1.02 -2.86
C LYS D 63 26.73 -1.27 -2.60
N ALA D 64 25.85 -0.31 -2.93
CA ALA D 64 24.42 -0.46 -2.67
C ALA D 64 23.79 -1.62 -3.45
N ILE D 65 24.25 -1.81 -4.69
CA ILE D 65 23.75 -2.90 -5.49
C ILE D 65 24.05 -4.25 -4.79
N GLU D 66 25.28 -4.43 -4.30
CA GLU D 66 25.64 -5.67 -3.62
C GLU D 66 24.82 -5.84 -2.33
N ARG D 67 24.52 -4.72 -1.66
CA ARG D 67 23.72 -4.80 -0.43
C ARG D 67 22.29 -5.24 -0.77
N MET D 68 21.72 -4.67 -1.83
CA MET D 68 20.35 -5.00 -2.22
C MET D 68 20.21 -6.49 -2.49
N LYS D 69 21.19 -7.06 -3.18
CA LYS D 69 21.18 -8.50 -3.48
C LYS D 69 21.28 -9.29 -2.18
N ASP D 70 22.14 -8.86 -1.26
CA ASP D 70 22.27 -9.54 0.04
C ASP D 70 20.89 -9.52 0.74
N THR D 71 20.26 -8.36 0.70
CA THR D 71 18.96 -8.19 1.30
C THR D 71 17.90 -9.11 0.70
N LEU D 72 17.82 -9.17 -0.63
CA LEU D 72 16.81 -10.03 -1.23
C LEU D 72 16.99 -11.51 -0.86
N ARG D 73 18.24 -11.98 -0.81
CA ARG D 73 18.51 -13.35 -0.47
C ARG D 73 18.05 -13.67 0.93
N ILE D 74 18.44 -12.86 1.92
CA ILE D 74 18.04 -13.17 3.28
C ILE D 74 16.53 -12.98 3.48
N THR D 75 15.94 -12.03 2.78
CA THR D 75 14.49 -11.82 2.88
C THR D 75 13.78 -13.05 2.34
N TYR D 76 14.29 -13.59 1.26
CA TYR D 76 13.70 -14.79 0.67
C TYR D 76 13.82 -15.97 1.61
N LEU D 77 15.04 -16.22 2.07
CA LEU D 77 15.32 -17.36 2.93
C LEU D 77 14.54 -17.31 4.21
N THR D 78 14.28 -16.11 4.74
CA THR D 78 13.48 -16.02 5.96
C THR D 78 11.96 -15.85 5.73
N GLU D 79 11.53 -15.87 4.47
CA GLU D 79 10.12 -15.70 4.14
C GLU D 79 9.58 -14.43 4.76
N THR D 80 10.40 -13.40 4.71
CA THR D 80 10.02 -12.10 5.24
C THR D 80 9.09 -11.34 4.28
N LYS D 81 8.05 -10.73 4.81
CA LYS D 81 7.13 -9.98 3.96
C LYS D 81 7.73 -8.67 3.44
N ILE D 82 7.63 -8.48 2.13
CA ILE D 82 8.09 -7.25 1.54
C ILE D 82 6.88 -6.31 1.54
N ASP D 83 7.09 -5.06 1.91
CA ASP D 83 6.01 -4.08 1.94
C ASP D 83 5.87 -3.49 0.54
N LYS D 84 6.81 -2.62 0.19
CA LYS D 84 6.80 -1.98 -1.11
C LYS D 84 8.13 -2.10 -1.83
N LEU D 85 8.03 -1.95 -3.15
CA LEU D 85 9.20 -1.91 -4.01
C LEU D 85 9.09 -0.66 -4.90
N CYS D 86 10.18 0.10 -4.95
CA CYS D 86 10.29 1.26 -5.83
C CYS D 86 11.13 0.69 -6.97
N VAL D 87 10.61 0.74 -8.18
CA VAL D 87 11.32 0.16 -9.32
C VAL D 87 11.36 1.08 -10.52
N TRP D 88 12.40 0.90 -11.32
CA TRP D 88 12.53 1.61 -12.58
C TRP D 88 11.73 0.80 -13.57
N ASN D 89 10.81 1.45 -14.27
CA ASN D 89 9.97 0.76 -15.24
C ASN D 89 10.45 0.87 -16.68
N ASN D 90 11.66 1.38 -16.88
CA ASN D 90 12.20 1.46 -18.24
C ASN D 90 13.17 0.30 -18.48
N LYS D 91 12.94 -0.79 -17.75
CA LYS D 91 13.75 -2.00 -17.85
C LYS D 91 12.86 -3.21 -17.71
N THR D 92 13.21 -4.30 -18.40
CA THR D 92 12.49 -5.56 -18.33
C THR D 92 13.49 -6.63 -17.86
N PRO D 93 13.24 -7.23 -16.70
CA PRO D 93 12.11 -6.94 -15.82
C PRO D 93 12.37 -5.60 -15.17
N ASN D 94 11.33 -5.06 -14.53
CA ASN D 94 11.48 -3.79 -13.84
C ASN D 94 12.62 -3.94 -12.83
N SER D 95 13.38 -2.85 -12.66
CA SER D 95 14.55 -2.82 -11.83
C SER D 95 14.35 -2.22 -10.43
N ILE D 96 14.85 -2.91 -9.43
CA ILE D 96 14.71 -2.46 -8.04
C ILE D 96 15.59 -1.28 -7.64
N ALA D 97 14.94 -0.19 -7.21
CA ALA D 97 15.64 1.00 -6.77
C ALA D 97 15.65 1.05 -5.23
N ALA D 98 14.57 0.56 -4.62
CA ALA D 98 14.46 0.52 -3.16
C ALA D 98 13.43 -0.53 -2.73
N ILE D 99 13.50 -0.91 -1.47
CA ILE D 99 12.62 -1.92 -0.91
C ILE D 99 12.29 -1.57 0.54
N SER D 100 11.09 -1.92 0.98
CA SER D 100 10.67 -1.71 2.36
C SER D 100 10.08 -3.04 2.81
N MET D 101 10.27 -3.36 4.09
CA MET D 101 9.76 -4.58 4.69
C MET D 101 9.07 -4.14 5.95
N LYS D 102 7.86 -4.68 6.14
CA LYS D 102 7.03 -4.42 7.30
C LYS D 102 6.13 -5.64 7.50
N ASN D 103 5.97 -6.08 8.74
CA ASN D 103 5.14 -7.23 9.12
C ASN D 103 5.72 -8.62 8.89
N ALA E 1 37.70 4.75 27.02
CA ALA E 1 36.54 4.80 26.08
C ALA E 1 35.19 4.83 26.84
N PRO E 2 34.11 5.35 26.21
CA PRO E 2 32.82 5.39 26.90
C PRO E 2 32.30 3.98 27.18
N GLN E 3 31.47 3.85 28.21
CA GLN E 3 30.93 2.56 28.60
C GLN E 3 29.45 2.32 28.33
N THR E 4 28.75 3.37 27.92
CA THR E 4 27.33 3.29 27.61
C THR E 4 27.04 4.20 26.43
N ILE E 5 25.92 3.95 25.77
CA ILE E 5 25.52 4.73 24.62
C ILE E 5 25.26 6.21 25.01
N THR E 6 24.74 6.45 26.20
CA THR E 6 24.47 7.82 26.62
C THR E 6 25.76 8.62 26.79
N GLU E 7 26.76 8.03 27.44
CA GLU E 7 28.04 8.71 27.60
C GLU E 7 28.59 9.04 26.22
N LEU E 8 28.63 8.04 25.36
CA LEU E 8 29.17 8.21 24.03
C LEU E 8 28.49 9.34 23.30
N CYS E 9 27.16 9.29 23.25
CA CYS E 9 26.34 10.28 22.58
C CYS E 9 26.62 11.70 23.06
N SER E 10 26.86 11.86 24.35
CA SER E 10 27.13 13.15 24.95
C SER E 10 28.44 13.74 24.52
N GLU E 11 29.29 12.93 23.89
CA GLU E 11 30.59 13.43 23.46
C GLU E 11 30.48 14.25 22.15
N TYR E 12 29.28 14.28 21.59
CA TYR E 12 29.06 14.98 20.32
C TYR E 12 28.01 16.09 20.38
N ARG E 13 28.10 17.01 19.44
CA ARG E 13 27.15 18.11 19.36
C ARG E 13 26.01 17.67 18.41
N ASN E 14 24.84 18.28 18.56
CA ASN E 14 23.69 17.96 17.71
C ASN E 14 23.21 16.53 17.80
N THR E 15 23.40 15.91 18.95
CA THR E 15 22.94 14.54 19.16
C THR E 15 21.98 14.48 20.33
N GLN E 16 21.24 13.39 20.37
CA GLN E 16 20.34 13.13 21.49
C GLN E 16 20.00 11.65 21.49
N ILE E 17 19.60 11.16 22.66
CA ILE E 17 19.22 9.77 22.83
C ILE E 17 17.71 9.61 22.68
N TYR E 18 17.31 8.67 21.83
CA TYR E 18 15.92 8.34 21.65
C TYR E 18 15.81 6.94 22.25
N THR E 19 14.92 6.78 23.21
CA THR E 19 14.73 5.49 23.83
C THR E 19 13.65 4.81 23.09
N ILE E 20 13.99 3.65 22.53
CA ILE E 20 13.04 2.92 21.73
C ILE E 20 12.32 1.82 22.49
N ASN E 21 13.10 0.86 22.98
CA ASN E 21 12.56 -0.29 23.68
C ASN E 21 11.47 -0.98 22.87
N ASP E 22 11.74 -1.19 21.58
CA ASP E 22 10.78 -1.82 20.69
C ASP E 22 11.51 -2.29 19.44
N LYS E 23 10.90 -3.25 18.73
CA LYS E 23 11.48 -3.75 17.50
C LYS E 23 11.17 -2.74 16.41
N ILE E 24 11.90 -2.83 15.30
CA ILE E 24 11.72 -1.94 14.16
C ILE E 24 10.41 -2.30 13.48
N LEU E 25 9.58 -1.29 13.21
CA LEU E 25 8.33 -1.53 12.54
C LEU E 25 8.58 -1.79 11.04
N SER E 26 9.39 -0.94 10.40
CA SER E 26 9.67 -1.14 8.98
C SER E 26 11.10 -0.82 8.64
N TYR E 27 11.61 -1.55 7.68
CA TYR E 27 12.97 -1.39 7.19
C TYR E 27 12.95 -1.01 5.71
N THR E 28 13.61 0.08 5.38
CA THR E 28 13.66 0.58 4.00
C THR E 28 15.09 0.76 3.56
N GLU E 29 15.41 0.25 2.38
CA GLU E 29 16.79 0.34 1.88
C GLU E 29 16.72 0.81 0.43
N SER E 30 17.57 1.77 0.09
CA SER E 30 17.62 2.32 -1.26
C SER E 30 18.99 2.23 -1.94
N MET E 31 18.99 1.85 -3.22
CA MET E 31 20.22 1.83 -3.98
C MET E 31 20.14 2.94 -5.04
N ALA E 32 19.13 3.80 -4.94
CA ALA E 32 18.97 4.90 -5.90
C ALA E 32 20.14 5.88 -5.76
N GLY E 33 20.59 6.38 -6.90
CA GLY E 33 21.71 7.30 -6.94
C GLY E 33 21.59 8.49 -6.02
N LYS E 34 22.63 8.70 -5.21
CA LYS E 34 22.70 9.79 -4.27
C LYS E 34 21.74 9.59 -3.10
N ARG E 35 21.06 8.46 -3.07
CA ARG E 35 20.13 8.13 -1.98
C ARG E 35 20.38 6.71 -1.50
N GLU E 36 21.65 6.29 -1.52
CA GLU E 36 22.07 4.97 -1.06
C GLU E 36 22.01 5.08 0.46
N MET E 37 20.84 4.78 1.02
CA MET E 37 20.64 4.94 2.45
C MET E 37 19.62 3.93 2.98
N VAL E 38 19.43 3.95 4.29
CA VAL E 38 18.47 3.09 4.97
C VAL E 38 17.63 4.00 5.88
N ILE E 39 16.34 3.66 5.98
CA ILE E 39 15.42 4.41 6.83
C ILE E 39 14.70 3.35 7.65
N ILE E 40 14.55 3.58 8.95
CA ILE E 40 13.78 2.64 9.75
C ILE E 40 12.68 3.45 10.48
N THR E 41 11.53 2.82 10.73
CA THR E 41 10.49 3.49 11.46
C THR E 41 10.00 2.56 12.55
N PHE E 42 9.35 3.16 13.54
CA PHE E 42 8.80 2.42 14.67
C PHE E 42 7.31 2.74 14.81
N LYS E 43 6.57 1.85 15.48
CA LYS E 43 5.14 2.04 15.71
C LYS E 43 4.84 3.38 16.37
N SER E 44 5.82 3.90 17.11
CA SER E 44 5.70 5.19 17.78
C SER E 44 5.52 6.27 16.74
N GLY E 45 5.99 5.98 15.54
CA GLY E 45 5.93 6.93 14.45
C GLY E 45 7.32 7.53 14.20
N GLU E 46 8.27 7.29 15.10
CA GLU E 46 9.61 7.83 14.91
C GLU E 46 10.24 7.21 13.67
N THR E 47 11.04 8.03 12.98
CA THR E 47 11.71 7.61 11.73
C THR E 47 13.17 8.01 11.83
N PHE E 48 14.06 7.15 11.39
CA PHE E 48 15.48 7.47 11.46
C PHE E 48 16.17 6.98 10.20
N GLN E 49 17.29 7.60 9.87
CA GLN E 49 18.06 7.19 8.69
C GLN E 49 19.52 6.91 9.03
N VAL E 50 20.16 6.12 8.18
CA VAL E 50 21.60 5.92 8.23
C VAL E 50 21.88 6.74 6.96
N GLU E 51 22.59 7.83 7.12
CA GLU E 51 22.90 8.72 6.00
C GLU E 51 23.74 8.15 4.88
N VAL E 52 23.52 8.71 3.70
CA VAL E 52 24.31 8.38 2.53
C VAL E 52 25.72 8.84 2.91
N PRO E 53 26.74 8.02 2.63
CA PRO E 53 28.11 8.39 2.95
C PRO E 53 28.40 9.73 2.30
N GLY E 54 28.98 10.66 3.04
CA GLY E 54 29.22 11.97 2.46
C GLY E 54 30.49 12.62 2.94
N SER E 55 30.70 13.87 2.52
CA SER E 55 31.91 14.57 2.86
C SER E 55 32.09 14.80 4.35
N GLN E 56 31.04 14.65 5.14
CA GLN E 56 31.19 14.88 6.57
C GLN E 56 31.87 13.71 7.26
N HIS E 57 31.85 12.54 6.60
CA HIS E 57 32.41 11.32 7.16
C HIS E 57 33.88 11.05 6.90
N ILE E 58 34.59 10.61 7.94
CA ILE E 58 35.99 10.24 7.76
C ILE E 58 36.04 8.78 7.32
N ASP E 59 37.19 8.33 6.85
CA ASP E 59 37.29 6.97 6.37
C ASP E 59 36.89 5.89 7.34
N SER E 60 37.27 6.04 8.60
CA SER E 60 36.90 5.05 9.62
C SER E 60 35.37 4.94 9.72
N GLN E 61 34.64 6.01 9.44
CA GLN E 61 33.17 5.95 9.48
C GLN E 61 32.54 5.22 8.29
N LYS E 62 33.21 5.23 7.14
CA LYS E 62 32.69 4.56 5.95
C LYS E 62 32.39 3.10 6.24
N LYS E 63 33.37 2.39 6.80
CA LYS E 63 33.22 0.98 7.14
C LYS E 63 32.16 0.89 8.23
N ALA E 64 32.16 1.82 9.19
CA ALA E 64 31.16 1.77 10.26
C ALA E 64 29.72 1.99 9.73
N ILE E 65 29.57 2.85 8.73
CA ILE E 65 28.26 3.09 8.13
C ILE E 65 27.69 1.80 7.55
N GLU E 66 28.51 1.06 6.82
CA GLU E 66 28.05 -0.20 6.24
C GLU E 66 27.67 -1.22 7.32
N ARG E 67 28.38 -1.20 8.45
CA ARG E 67 28.08 -2.10 9.55
C ARG E 67 26.73 -1.74 10.15
N MET E 68 26.49 -0.43 10.38
CA MET E 68 25.21 -0.02 10.96
C MET E 68 24.04 -0.49 10.13
N LYS E 69 24.16 -0.35 8.82
CA LYS E 69 23.10 -0.83 7.94
C LYS E 69 22.96 -2.37 8.05
N ASP E 70 24.09 -3.09 8.13
CA ASP E 70 24.02 -4.56 8.29
C ASP E 70 23.26 -4.84 9.59
N THR E 71 23.63 -4.10 10.64
CA THR E 71 22.99 -4.31 11.92
C THR E 71 21.51 -4.05 11.87
N LEU E 72 21.09 -2.95 11.25
CA LEU E 72 19.68 -2.64 11.23
C LEU E 72 18.87 -3.69 10.49
N ARG E 73 19.41 -4.21 9.40
CA ARG E 73 18.68 -5.22 8.64
C ARG E 73 18.46 -6.50 9.45
N ILE E 74 19.51 -7.02 10.10
CA ILE E 74 19.36 -8.25 10.87
C ILE E 74 18.52 -8.03 12.13
N THR E 75 18.60 -6.84 12.73
CA THR E 75 17.80 -6.56 13.92
C THR E 75 16.34 -6.57 13.50
N TYR E 76 16.07 -6.04 12.30
CA TYR E 76 14.72 -6.04 11.78
C TYR E 76 14.21 -7.44 11.57
N LEU E 77 14.98 -8.21 10.81
CA LEU E 77 14.62 -9.57 10.47
C LEU E 77 14.36 -10.48 11.69
N THR E 78 15.14 -10.29 12.75
CA THR E 78 15.01 -11.08 13.96
C THR E 78 14.02 -10.46 14.96
N GLU E 79 13.44 -9.31 14.60
CA GLU E 79 12.47 -8.60 15.46
C GLU E 79 13.08 -8.33 16.83
N THR E 80 14.37 -8.03 16.85
CA THR E 80 15.06 -7.76 18.11
C THR E 80 14.67 -6.39 18.65
N LYS E 81 14.37 -6.28 19.94
CA LYS E 81 14.03 -4.97 20.49
C LYS E 81 15.25 -4.05 20.60
N ILE E 82 15.09 -2.81 20.12
CA ILE E 82 16.19 -1.86 20.26
C ILE E 82 15.92 -1.10 21.56
N ASP E 83 16.99 -0.78 22.28
CA ASP E 83 16.87 -0.05 23.54
C ASP E 83 16.95 1.44 23.22
N LYS E 84 18.13 1.91 22.84
CA LYS E 84 18.30 3.30 22.53
C LYS E 84 18.96 3.56 21.22
N LEU E 85 18.77 4.78 20.74
CA LEU E 85 19.42 5.26 19.52
C LEU E 85 20.02 6.63 19.81
N CYS E 86 21.31 6.79 19.47
CA CYS E 86 21.92 8.09 19.63
C CYS E 86 21.82 8.64 18.21
N VAL E 87 21.18 9.80 18.06
CA VAL E 87 21.02 10.34 16.72
C VAL E 87 21.42 11.80 16.58
N TRP E 88 21.80 12.19 15.37
CA TRP E 88 22.15 13.59 15.07
C TRP E 88 20.82 14.21 14.73
N ASN E 89 20.48 15.29 15.43
CA ASN E 89 19.19 15.93 15.18
C ASN E 89 19.24 17.11 14.20
N ASN E 90 20.36 17.27 13.51
CA ASN E 90 20.46 18.35 12.55
C ASN E 90 20.26 17.78 11.13
N LYS E 91 19.55 16.66 11.05
CA LYS E 91 19.23 16.03 9.77
C LYS E 91 17.81 15.51 9.86
N THR E 92 17.18 15.38 8.71
CA THR E 92 15.80 14.90 8.66
C THR E 92 15.72 13.82 7.58
N PRO E 93 15.37 12.59 7.96
CA PRO E 93 15.05 12.14 9.32
C PRO E 93 16.33 12.24 10.17
N ASN E 94 16.17 12.19 11.49
CA ASN E 94 17.35 12.23 12.34
C ASN E 94 18.23 11.05 11.95
N SER E 95 19.53 11.28 12.08
CA SER E 95 20.57 10.37 11.67
C SER E 95 21.19 9.49 12.76
N ILE E 96 21.22 8.19 12.53
CA ILE E 96 21.73 7.28 13.53
C ILE E 96 23.23 7.33 13.74
N ALA E 97 23.64 7.59 14.97
CA ALA E 97 25.03 7.63 15.36
C ALA E 97 25.42 6.33 16.05
N ALA E 98 24.49 5.78 16.85
CA ALA E 98 24.75 4.52 17.57
C ALA E 98 23.43 3.86 17.98
N ILE E 99 23.48 2.56 18.30
CA ILE E 99 22.31 1.79 18.74
C ILE E 99 22.76 0.98 19.93
N SER E 100 21.79 0.57 20.74
CA SER E 100 22.02 -0.30 21.89
C SER E 100 20.82 -1.27 21.93
N MET E 101 21.08 -2.52 22.28
CA MET E 101 20.03 -3.53 22.41
C MET E 101 20.30 -4.26 23.72
N LYS E 102 19.24 -4.60 24.42
CA LYS E 102 19.38 -5.28 25.70
C LYS E 102 18.36 -6.41 25.96
N ASN E 103 18.84 -7.45 26.66
CA ASN E 103 18.02 -8.58 27.05
C ASN E 103 17.04 -8.19 28.19
N ALA F 1 -3.72 1.60 6.40
CA ALA F 1 -4.76 2.58 6.74
C ALA F 1 -5.54 2.19 8.00
N PRO F 2 -6.13 3.18 8.68
CA PRO F 2 -6.89 2.88 9.91
C PRO F 2 -8.06 1.93 9.60
N GLN F 3 -8.45 1.17 10.61
CA GLN F 3 -9.53 0.22 10.43
C GLN F 3 -10.81 0.62 11.13
N THR F 4 -10.71 1.59 12.03
CA THR F 4 -11.88 2.08 12.79
C THR F 4 -11.86 3.60 12.84
N ILE F 5 -13.00 4.19 13.22
CA ILE F 5 -13.13 5.62 13.33
C ILE F 5 -12.25 6.15 14.46
N THR F 6 -12.18 5.39 15.56
CA THR F 6 -11.37 5.83 16.69
C THR F 6 -9.89 5.85 16.31
N GLU F 7 -9.47 4.81 15.59
CA GLU F 7 -8.09 4.68 15.15
C GLU F 7 -7.77 5.87 14.24
N LEU F 8 -8.67 6.13 13.31
CA LEU F 8 -8.49 7.22 12.38
C LEU F 8 -8.46 8.57 13.10
N CYS F 9 -9.39 8.76 14.01
CA CYS F 9 -9.48 10.01 14.74
C CYS F 9 -8.23 10.35 15.52
N SER F 10 -7.64 9.35 16.16
CA SER F 10 -6.45 9.55 16.97
C SER F 10 -5.24 9.98 16.18
N GLU F 11 -5.37 10.03 14.85
CA GLU F 11 -4.26 10.44 14.01
C GLU F 11 -4.17 11.94 13.85
N TYR F 12 -5.22 12.64 14.27
CA TYR F 12 -5.26 14.09 14.11
C TYR F 12 -5.26 14.84 15.41
N ARG F 13 -4.56 15.99 15.42
CA ARG F 13 -4.50 16.85 16.59
C ARG F 13 -5.87 17.52 16.73
N ASN F 14 -6.15 18.04 17.93
CA ASN F 14 -7.40 18.75 18.18
C ASN F 14 -8.68 17.98 17.86
N THR F 15 -8.65 16.64 17.88
CA THR F 15 -9.88 15.88 17.59
C THR F 15 -10.46 15.13 18.77
N GLN F 16 -11.66 14.60 18.56
CA GLN F 16 -12.33 13.92 19.64
C GLN F 16 -13.43 13.03 19.11
N ILE F 17 -13.62 11.90 19.78
CA ILE F 17 -14.69 10.98 19.40
C ILE F 17 -15.89 11.28 20.27
N TYR F 18 -17.06 11.27 19.66
CA TYR F 18 -18.30 11.50 20.38
C TYR F 18 -19.22 10.34 20.08
N THR F 19 -19.65 9.60 21.10
CA THR F 19 -20.58 8.49 20.88
C THR F 19 -21.99 9.05 20.89
N ILE F 20 -22.59 9.10 19.71
CA ILE F 20 -23.92 9.63 19.54
C ILE F 20 -24.99 8.56 19.81
N ASN F 21 -24.90 7.44 19.10
CA ASN F 21 -25.88 6.38 19.20
C ASN F 21 -27.27 6.98 19.21
N ASP F 22 -27.55 7.81 18.21
CA ASP F 22 -28.85 8.44 18.10
C ASP F 22 -28.99 9.04 16.70
N LYS F 23 -30.22 9.27 16.30
CA LYS F 23 -30.48 9.88 15.00
C LYS F 23 -30.27 11.38 15.12
N ILE F 24 -30.14 12.04 13.99
CA ILE F 24 -29.97 13.47 13.97
C ILE F 24 -31.33 14.08 14.35
N LEU F 25 -31.30 15.08 15.24
CA LEU F 25 -32.53 15.75 15.65
C LEU F 25 -32.91 16.84 14.65
N SER F 26 -31.93 17.63 14.24
CA SER F 26 -32.19 18.67 13.26
C SER F 26 -31.04 18.83 12.27
N TYR F 27 -31.42 19.21 11.06
CA TYR F 27 -30.51 19.41 9.97
C TYR F 27 -30.69 20.84 9.43
N THR F 28 -29.58 21.55 9.25
CA THR F 28 -29.58 22.91 8.73
C THR F 28 -28.55 23.02 7.60
N GLU F 29 -28.97 23.64 6.51
CA GLU F 29 -28.15 23.78 5.30
C GLU F 29 -28.22 25.22 4.82
N SER F 30 -27.06 25.78 4.54
CA SER F 30 -26.96 27.17 4.08
C SER F 30 -26.19 27.35 2.80
N MET F 31 -26.72 28.20 1.93
CA MET F 31 -26.05 28.54 0.70
C MET F 31 -25.68 30.03 0.76
N ALA F 32 -25.83 30.63 1.93
CA ALA F 32 -25.47 32.04 2.13
C ALA F 32 -23.96 32.22 1.89
N GLY F 33 -23.59 33.31 1.24
CA GLY F 33 -22.19 33.54 0.92
C GLY F 33 -21.24 33.45 2.08
N LYS F 34 -20.17 32.67 1.91
CA LYS F 34 -19.15 32.48 2.93
C LYS F 34 -19.65 31.60 4.07
N ARG F 35 -20.91 31.21 4.07
CA ARG F 35 -21.43 30.32 5.11
C ARG F 35 -22.11 29.10 4.48
N GLU F 36 -21.55 28.62 3.37
CA GLU F 36 -22.12 27.46 2.69
C GLU F 36 -21.73 26.28 3.56
N MET F 37 -22.65 25.87 4.42
CA MET F 37 -22.35 24.82 5.36
C MET F 37 -23.62 24.08 5.78
N VAL F 38 -23.41 23.06 6.61
CA VAL F 38 -24.47 22.23 7.17
C VAL F 38 -24.24 22.16 8.67
N ILE F 39 -25.30 22.17 9.45
CA ILE F 39 -25.20 22.09 10.90
C ILE F 39 -26.18 21.04 11.33
N ILE F 40 -25.79 20.18 12.25
CA ILE F 40 -26.72 19.18 12.74
C ILE F 40 -26.75 19.24 14.26
N THR F 41 -27.84 18.79 14.85
CA THR F 41 -27.94 18.79 16.29
C THR F 41 -28.58 17.48 16.72
N PHE F 42 -28.41 17.16 18.00
CA PHE F 42 -28.96 15.96 18.61
C PHE F 42 -29.73 16.28 19.88
N LYS F 43 -30.63 15.38 20.23
CA LYS F 43 -31.46 15.49 21.42
C LYS F 43 -30.59 15.76 22.66
N SER F 44 -29.36 15.28 22.62
CA SER F 44 -28.40 15.43 23.69
C SER F 44 -28.04 16.89 23.92
N GLY F 45 -28.31 17.73 22.94
CA GLY F 45 -27.96 19.13 23.05
C GLY F 45 -26.73 19.45 22.20
N GLU F 46 -26.01 18.42 21.76
CA GLU F 46 -24.82 18.61 20.94
C GLU F 46 -25.15 19.14 19.55
N THR F 47 -24.28 20.01 19.07
CA THR F 47 -24.40 20.65 17.77
C THR F 47 -23.07 20.50 17.02
N PHE F 48 -23.13 20.16 15.75
CA PHE F 48 -21.91 20.00 14.99
C PHE F 48 -22.07 20.61 13.61
N GLN F 49 -20.93 20.90 12.99
CA GLN F 49 -20.93 21.48 11.65
C GLN F 49 -19.99 20.80 10.67
N VAL F 50 -20.30 20.96 9.40
CA VAL F 50 -19.42 20.53 8.33
C VAL F 50 -18.94 21.93 7.94
N GLU F 51 -17.68 22.23 8.17
CA GLU F 51 -17.15 23.56 7.85
C GLU F 51 -17.24 23.95 6.38
N VAL F 52 -17.29 25.26 6.18
CA VAL F 52 -17.26 25.86 4.86
C VAL F 52 -15.88 25.53 4.32
N PRO F 53 -15.77 25.23 3.02
CA PRO F 53 -14.46 24.93 2.48
C PRO F 53 -13.51 26.14 2.61
N GLY F 54 -12.36 25.94 3.25
CA GLY F 54 -11.42 27.03 3.44
C GLY F 54 -9.96 26.67 3.21
N SER F 55 -9.10 27.64 3.47
CA SER F 55 -7.67 27.49 3.31
C SER F 55 -7.11 26.33 4.13
N GLN F 56 -7.77 25.97 5.23
CA GLN F 56 -7.26 24.89 6.02
C GLN F 56 -7.44 23.56 5.32
N HIS F 57 -8.23 23.51 4.25
CA HIS F 57 -8.47 22.23 3.56
C HIS F 57 -7.57 21.97 2.37
N ILE F 58 -7.24 20.70 2.13
CA ILE F 58 -6.41 20.36 0.97
C ILE F 58 -7.34 19.95 -0.15
N ASP F 59 -6.84 19.98 -1.39
CA ASP F 59 -7.68 19.63 -2.51
C ASP F 59 -8.43 18.32 -2.41
N SER F 60 -7.75 17.29 -1.93
CA SER F 60 -8.33 15.97 -1.77
C SER F 60 -9.54 16.02 -0.83
N GLN F 61 -9.68 17.06 -0.02
CA GLN F 61 -10.83 17.12 0.87
C GLN F 61 -12.05 17.72 0.22
N LYS F 62 -11.84 18.42 -0.90
CA LYS F 62 -12.91 19.07 -1.65
C LYS F 62 -14.16 18.20 -1.85
N LYS F 63 -14.00 17.06 -2.53
CA LYS F 63 -15.14 16.16 -2.75
C LYS F 63 -15.61 15.52 -1.45
N ALA F 64 -14.69 15.29 -0.52
CA ALA F 64 -15.04 14.67 0.76
C ALA F 64 -16.02 15.51 1.55
N ILE F 65 -15.80 16.81 1.55
CA ILE F 65 -16.65 17.75 2.25
C ILE F 65 -18.06 17.67 1.67
N GLU F 66 -18.17 17.73 0.36
CA GLU F 66 -19.47 17.63 -0.30
C GLU F 66 -20.13 16.29 0.03
N ARG F 67 -19.33 15.22 0.08
CA ARG F 67 -19.87 13.90 0.39
C ARG F 67 -20.42 13.82 1.82
N MET F 68 -19.68 14.36 2.79
CA MET F 68 -20.15 14.32 4.17
C MET F 68 -21.49 15.03 4.28
N LYS F 69 -21.67 16.15 3.59
CA LYS F 69 -22.94 16.87 3.62
C LYS F 69 -24.01 16.00 2.96
N ASP F 70 -23.67 15.31 1.88
CA ASP F 70 -24.65 14.44 1.25
C ASP F 70 -25.05 13.39 2.28
N THR F 71 -24.06 12.83 2.97
CA THR F 71 -24.30 11.79 3.97
C THR F 71 -25.20 12.25 5.12
N LEU F 72 -24.93 13.42 5.65
CA LEU F 72 -25.74 13.90 6.76
C LEU F 72 -27.18 14.13 6.36
N ARG F 73 -27.39 14.65 5.16
CA ARG F 73 -28.75 14.91 4.73
C ARG F 73 -29.53 13.61 4.61
N ILE F 74 -28.94 12.60 3.98
CA ILE F 74 -29.64 11.33 3.80
C ILE F 74 -29.83 10.59 5.13
N THR F 75 -28.86 10.69 6.01
CA THR F 75 -28.93 10.07 7.34
C THR F 75 -30.06 10.72 8.12
N TYR F 76 -30.17 12.03 8.01
CA TYR F 76 -31.25 12.72 8.70
C TYR F 76 -32.60 12.22 8.18
N LEU F 77 -32.78 12.32 6.87
CA LEU F 77 -34.02 11.95 6.23
C LEU F 77 -34.47 10.54 6.50
N THR F 78 -33.52 9.64 6.61
CA THR F 78 -33.85 8.24 6.85
C THR F 78 -33.90 7.92 8.35
N GLU F 79 -33.59 8.92 9.17
CA GLU F 79 -33.59 8.73 10.62
C GLU F 79 -32.62 7.64 11.04
N THR F 80 -31.53 7.52 10.33
CA THR F 80 -30.53 6.51 10.64
C THR F 80 -29.73 6.85 11.87
N LYS F 81 -29.47 5.85 12.71
CA LYS F 81 -28.72 6.06 13.93
C LYS F 81 -27.23 6.30 13.67
N ILE F 82 -26.72 7.36 14.28
CA ILE F 82 -25.32 7.61 14.13
C ILE F 82 -24.64 6.96 15.32
N ASP F 83 -23.52 6.29 15.09
CA ASP F 83 -22.78 5.64 16.18
C ASP F 83 -21.80 6.66 16.78
N LYS F 84 -20.71 6.91 16.08
CA LYS F 84 -19.72 7.87 16.54
C LYS F 84 -19.43 9.01 15.55
N LEU F 85 -18.87 10.09 16.09
CA LEU F 85 -18.46 11.23 15.28
C LEU F 85 -17.06 11.62 15.78
N CYS F 86 -16.14 11.76 14.85
CA CYS F 86 -14.80 12.21 15.18
C CYS F 86 -14.88 13.67 14.79
N VAL F 87 -14.62 14.56 15.75
CA VAL F 87 -14.69 15.98 15.44
C VAL F 87 -13.49 16.76 15.89
N TRP F 88 -13.28 17.92 15.27
CA TRP F 88 -12.19 18.79 15.67
C TRP F 88 -12.83 19.68 16.71
N ASN F 89 -12.19 19.84 17.86
CA ASN F 89 -12.75 20.65 18.91
C ASN F 89 -12.18 22.06 18.98
N ASN F 90 -11.43 22.46 17.95
CA ASN F 90 -10.90 23.82 17.94
C ASN F 90 -11.76 24.72 17.04
N LYS F 91 -13.03 24.34 16.88
CA LYS F 91 -13.99 25.10 16.08
C LYS F 91 -15.31 25.08 16.83
N THR F 92 -16.11 26.12 16.66
CA THR F 92 -17.43 26.17 17.28
C THR F 92 -18.51 26.45 16.24
N PRO F 93 -19.45 25.52 16.07
CA PRO F 93 -19.53 24.24 16.79
C PRO F 93 -18.43 23.30 16.34
N ASN F 94 -18.27 22.21 17.06
CA ASN F 94 -17.25 21.21 16.72
C ASN F 94 -17.45 20.78 15.27
N SER F 95 -16.33 20.59 14.57
CA SER F 95 -16.31 20.28 13.14
C SER F 95 -16.16 18.79 12.85
N ILE F 96 -17.06 18.28 12.02
CA ILE F 96 -17.06 16.85 11.68
C ILE F 96 -15.94 16.41 10.79
N ALA F 97 -15.15 15.48 11.32
CA ALA F 97 -14.02 14.92 10.60
C ALA F 97 -14.41 13.56 10.00
N ALA F 98 -15.18 12.77 10.75
CA ALA F 98 -15.59 11.46 10.27
C ALA F 98 -16.85 11.06 10.99
N ILE F 99 -17.53 10.06 10.42
CA ILE F 99 -18.79 9.57 10.95
C ILE F 99 -18.85 8.04 10.81
N SER F 100 -19.46 7.37 11.79
CA SER F 100 -19.62 5.91 11.72
C SER F 100 -21.06 5.57 12.08
N MET F 101 -21.58 4.52 11.44
CA MET F 101 -22.94 4.10 11.69
C MET F 101 -22.93 2.58 11.74
N LYS F 102 -23.71 2.01 12.65
CA LYS F 102 -23.77 0.55 12.79
C LYS F 102 -25.21 0.06 12.92
N ASN F 103 -25.46 -1.17 12.47
CA ASN F 103 -26.80 -1.74 12.51
C ASN F 103 -26.79 -3.26 12.43
N ALA G 1 -15.55 -8.66 -22.42
CA ALA G 1 -15.47 -8.14 -21.03
C ALA G 1 -16.01 -9.20 -20.08
N PRO G 2 -15.64 -9.11 -18.79
CA PRO G 2 -16.07 -10.07 -17.76
C PRO G 2 -17.58 -10.16 -17.69
N GLN G 3 -18.04 -11.35 -17.30
CA GLN G 3 -19.44 -11.65 -17.19
C GLN G 3 -19.89 -11.62 -15.73
N THR G 4 -18.97 -11.88 -14.82
CA THR G 4 -19.31 -11.93 -13.39
C THR G 4 -18.21 -11.28 -12.60
N ILE G 5 -18.49 -11.02 -11.32
CA ILE G 5 -17.49 -10.40 -10.46
C ILE G 5 -16.22 -11.31 -10.30
N THR G 6 -16.45 -12.61 -10.21
CA THR G 6 -15.38 -13.60 -10.08
C THR G 6 -14.50 -13.59 -11.33
N GLU G 7 -15.13 -13.51 -12.50
CA GLU G 7 -14.38 -13.46 -13.73
C GLU G 7 -13.54 -12.17 -13.78
N LEU G 8 -14.15 -11.06 -13.41
CA LEU G 8 -13.46 -9.79 -13.40
C LEU G 8 -12.27 -9.80 -12.42
N CYS G 9 -12.54 -10.27 -11.22
CA CYS G 9 -11.54 -10.35 -10.17
C CYS G 9 -10.28 -11.13 -10.56
N SER G 10 -10.47 -12.19 -11.33
CA SER G 10 -9.32 -13.01 -11.70
C SER G 10 -8.40 -12.39 -12.76
N GLU G 11 -8.82 -11.26 -13.32
CA GLU G 11 -7.98 -10.63 -14.33
C GLU G 11 -6.91 -9.83 -13.63
N TYR G 12 -7.06 -9.61 -12.34
CA TYR G 12 -6.11 -8.78 -11.59
C TYR G 12 -5.20 -9.51 -10.62
N ARG G 13 -4.06 -8.88 -10.32
CA ARG G 13 -3.13 -9.43 -9.34
C ARG G 13 -3.54 -8.98 -7.94
N ASN G 14 -3.16 -9.76 -6.94
CA ASN G 14 -3.40 -9.47 -5.52
C ASN G 14 -4.85 -9.33 -5.13
N THR G 15 -5.73 -10.04 -5.81
CA THR G 15 -7.14 -9.94 -5.47
C THR G 15 -7.72 -11.27 -4.97
N GLN G 16 -8.87 -11.18 -4.34
CA GLN G 16 -9.51 -12.38 -3.84
C GLN G 16 -10.97 -12.09 -3.66
N ILE G 17 -11.80 -13.09 -3.89
CA ILE G 17 -13.23 -12.92 -3.72
C ILE G 17 -13.64 -13.38 -2.33
N TYR G 18 -14.45 -12.55 -1.70
CA TYR G 18 -15.00 -12.89 -0.40
C TYR G 18 -16.49 -12.96 -0.63
N THR G 19 -17.08 -14.06 -0.25
CA THR G 19 -18.50 -14.23 -0.38
C THR G 19 -19.07 -13.78 0.94
N ILE G 20 -19.88 -12.73 0.88
CA ILE G 20 -20.45 -12.20 2.09
C ILE G 20 -21.89 -12.63 2.32
N ASN G 21 -22.74 -12.45 1.33
CA ASN G 21 -24.16 -12.81 1.45
C ASN G 21 -24.75 -12.25 2.74
N ASP G 22 -24.49 -10.96 3.00
CA ASP G 22 -24.99 -10.32 4.21
C ASP G 22 -25.01 -8.83 4.00
N LYS G 23 -25.79 -8.13 4.82
CA LYS G 23 -25.88 -6.66 4.75
C LYS G 23 -24.64 -6.08 5.45
N ILE G 24 -24.33 -4.82 5.18
CA ILE G 24 -23.19 -4.16 5.81
C ILE G 24 -23.52 -3.91 7.30
N LEU G 25 -22.57 -4.17 8.20
CA LEU G 25 -22.80 -3.97 9.64
C LEU G 25 -22.51 -2.55 10.08
N SER G 26 -21.41 -1.99 9.60
CA SER G 26 -21.06 -0.61 9.94
C SER G 26 -20.47 0.12 8.75
N TYR G 27 -20.74 1.41 8.72
CA TYR G 27 -20.26 2.28 7.68
C TYR G 27 -19.54 3.43 8.35
N THR G 28 -18.33 3.70 7.86
CA THR G 28 -17.50 4.78 8.35
C THR G 28 -17.01 5.61 7.19
N GLU G 29 -17.16 6.91 7.31
CA GLU G 29 -16.74 7.84 6.27
C GLU G 29 -15.94 8.98 6.86
N SER G 30 -14.81 9.28 6.24
CA SER G 30 -13.90 10.32 6.68
C SER G 30 -13.56 11.32 5.59
N MET G 31 -13.59 12.59 5.97
CA MET G 31 -13.23 13.68 5.06
C MET G 31 -11.95 14.32 5.60
N ALA G 32 -11.33 13.67 6.59
CA ALA G 32 -10.08 14.17 7.15
C ALA G 32 -8.96 14.17 6.12
N GLY G 33 -8.10 15.18 6.16
CA GLY G 33 -7.00 15.33 5.23
C GLY G 33 -6.10 14.10 5.09
N LYS G 34 -6.06 13.58 3.88
CA LYS G 34 -5.25 12.39 3.59
C LYS G 34 -5.86 11.07 4.06
N ARG G 35 -7.08 11.12 4.59
CA ARG G 35 -7.78 9.90 5.01
C ARG G 35 -9.22 10.01 4.52
N GLU G 36 -9.34 10.52 3.29
CA GLU G 36 -10.65 10.69 2.64
C GLU G 36 -11.01 9.29 2.14
N MET G 37 -11.67 8.53 2.98
CA MET G 37 -11.98 7.16 2.66
C MET G 37 -13.27 6.69 3.34
N VAL G 38 -13.63 5.46 3.03
CA VAL G 38 -14.80 4.82 3.60
C VAL G 38 -14.36 3.45 4.10
N ILE G 39 -14.89 3.04 5.25
CA ILE G 39 -14.59 1.74 5.83
C ILE G 39 -15.91 1.03 6.16
N ILE G 40 -16.03 -0.23 5.74
CA ILE G 40 -17.22 -1.00 6.06
C ILE G 40 -16.85 -2.29 6.80
N THR G 41 -17.76 -2.81 7.60
CA THR G 41 -17.51 -4.05 8.32
C THR G 41 -18.74 -4.93 8.21
N PHE G 42 -18.57 -6.23 8.45
CA PHE G 42 -19.65 -7.19 8.39
C PHE G 42 -19.65 -7.98 9.68
N LYS G 43 -20.80 -8.56 10.02
CA LYS G 43 -20.94 -9.38 11.21
C LYS G 43 -19.88 -10.48 11.19
N SER G 44 -19.56 -10.94 9.98
CA SER G 44 -18.57 -11.99 9.72
C SER G 44 -17.14 -11.58 10.09
N GLY G 45 -16.98 -10.30 10.42
CA GLY G 45 -15.67 -9.77 10.80
C GLY G 45 -14.95 -9.00 9.71
N GLU G 46 -15.21 -9.32 8.45
CA GLU G 46 -14.54 -8.65 7.36
C GLU G 46 -14.63 -7.14 7.45
N THR G 47 -13.48 -6.51 7.29
CA THR G 47 -13.35 -5.07 7.34
C THR G 47 -12.65 -4.68 6.06
N PHE G 48 -13.26 -3.76 5.32
CA PHE G 48 -12.69 -3.35 4.04
C PHE G 48 -12.73 -1.85 3.86
N GLN G 49 -11.93 -1.36 2.93
CA GLN G 49 -11.87 0.06 2.66
C GLN G 49 -11.95 0.42 1.19
N VAL G 50 -12.34 1.64 0.92
CA VAL G 50 -12.30 2.16 -0.44
C VAL G 50 -11.15 3.15 -0.18
N GLU G 51 -10.02 2.88 -0.82
CA GLU G 51 -8.79 3.67 -0.64
C GLU G 51 -8.85 5.16 -1.03
N VAL G 52 -8.03 5.95 -0.35
CA VAL G 52 -7.91 7.38 -0.64
C VAL G 52 -7.34 7.39 -2.07
N PRO G 53 -7.86 8.27 -2.96
CA PRO G 53 -7.31 8.30 -4.32
C PRO G 53 -5.80 8.53 -4.23
N GLY G 54 -5.01 7.70 -4.91
CA GLY G 54 -3.57 7.84 -4.82
C GLY G 54 -2.93 7.62 -6.17
N SER G 55 -1.60 7.55 -6.17
CA SER G 55 -0.87 7.35 -7.41
C SER G 55 -1.13 6.04 -8.12
N GLN G 56 -1.59 5.02 -7.38
CA GLN G 56 -1.88 3.72 -7.98
C GLN G 56 -3.18 3.70 -8.76
N HIS G 57 -3.91 4.82 -8.77
CA HIS G 57 -5.17 4.90 -9.51
C HIS G 57 -4.99 5.62 -10.83
N ILE G 58 -5.66 5.17 -11.87
CA ILE G 58 -5.57 5.88 -13.15
C ILE G 58 -6.74 6.83 -13.23
N ASP G 59 -6.67 7.81 -14.12
CA ASP G 59 -7.72 8.79 -14.22
C ASP G 59 -9.11 8.20 -14.34
N SER G 60 -9.26 7.15 -15.15
CA SER G 60 -10.58 6.54 -15.32
C SER G 60 -11.16 6.05 -13.98
N GLN G 61 -10.30 5.86 -12.98
CA GLN G 61 -10.80 5.39 -11.71
C GLN G 61 -11.36 6.45 -10.78
N LYS G 62 -11.04 7.70 -11.06
CA LYS G 62 -11.50 8.77 -10.18
C LYS G 62 -13.00 8.77 -9.97
N LYS G 63 -13.76 8.71 -11.07
CA LYS G 63 -15.22 8.69 -10.95
C LYS G 63 -15.70 7.39 -10.35
N ALA G 64 -15.02 6.28 -10.68
CA ALA G 64 -15.43 4.99 -10.15
C ALA G 64 -15.26 4.90 -8.61
N ILE G 65 -14.20 5.49 -8.11
CA ILE G 65 -13.96 5.51 -6.67
C ILE G 65 -15.09 6.25 -5.96
N GLU G 66 -15.49 7.38 -6.51
CA GLU G 66 -16.56 8.15 -5.92
C GLU G 66 -17.88 7.38 -6.01
N ARG G 67 -18.06 6.64 -7.10
CA ARG G 67 -19.27 5.83 -7.26
C ARG G 67 -19.33 4.71 -6.23
N MET G 68 -18.22 3.99 -6.09
CA MET G 68 -18.17 2.87 -5.16
C MET G 68 -18.56 3.33 -3.77
N LYS G 69 -18.08 4.51 -3.37
CA LYS G 69 -18.43 5.04 -2.06
C LYS G 69 -19.94 5.37 -1.98
N ASP G 70 -20.48 5.97 -3.04
CA ASP G 70 -21.91 6.25 -3.08
C ASP G 70 -22.68 4.93 -2.90
N THR G 71 -22.22 3.91 -3.61
CA THR G 71 -22.86 2.62 -3.54
C THR G 71 -22.88 2.02 -2.13
N LEU G 72 -21.72 2.03 -1.47
CA LEU G 72 -21.62 1.49 -0.13
C LEU G 72 -22.58 2.21 0.83
N ARG G 73 -22.67 3.53 0.71
CA ARG G 73 -23.54 4.28 1.57
C ARG G 73 -24.99 3.87 1.41
N ILE G 74 -25.49 3.85 0.18
CA ILE G 74 -26.89 3.53 -0.05
C ILE G 74 -27.19 2.08 0.28
N THR G 75 -26.22 1.22 0.04
CA THR G 75 -26.33 -0.21 0.33
C THR G 75 -26.46 -0.38 1.84
N TYR G 76 -25.65 0.37 2.58
CA TYR G 76 -25.71 0.33 4.03
C TYR G 76 -27.08 0.78 4.50
N LEU G 77 -27.46 1.99 4.09
CA LEU G 77 -28.73 2.60 4.50
C LEU G 77 -29.97 1.78 4.23
N THR G 78 -29.97 1.04 3.12
CA THR G 78 -31.13 0.23 2.75
C THR G 78 -31.04 -1.23 3.25
N GLU G 79 -29.96 -1.55 3.95
CA GLU G 79 -29.75 -2.90 4.44
C GLU G 79 -29.80 -3.91 3.28
N THR G 80 -29.20 -3.51 2.16
CA THR G 80 -29.14 -4.36 0.98
C THR G 80 -28.06 -5.44 1.17
N LYS G 81 -28.41 -6.65 0.82
CA LYS G 81 -27.49 -7.75 0.97
C LYS G 81 -26.37 -7.73 -0.07
N ILE G 82 -25.13 -7.81 0.40
CA ILE G 82 -23.98 -7.88 -0.50
C ILE G 82 -23.71 -9.36 -0.75
N ASP G 83 -23.49 -9.71 -1.99
CA ASP G 83 -23.21 -11.07 -2.36
C ASP G 83 -21.69 -11.31 -2.21
N LYS G 84 -20.90 -10.79 -3.14
CA LYS G 84 -19.45 -10.96 -3.08
C LYS G 84 -18.74 -9.63 -3.17
N LEU G 85 -17.49 -9.64 -2.72
CA LEU G 85 -16.62 -8.48 -2.79
C LEU G 85 -15.29 -8.98 -3.32
N CYS G 86 -14.80 -8.29 -4.35
CA CYS G 86 -13.49 -8.60 -4.91
C CYS G 86 -12.63 -7.54 -4.27
N VAL G 87 -11.58 -7.97 -3.57
CA VAL G 87 -10.73 -6.99 -2.91
C VAL G 87 -9.25 -7.23 -3.19
N TRP G 88 -8.45 -6.19 -3.04
CA TRP G 88 -6.99 -6.28 -3.18
C TRP G 88 -6.55 -6.63 -1.76
N ASN G 89 -5.83 -7.72 -1.64
CA ASN G 89 -5.36 -8.16 -0.33
C ASN G 89 -3.98 -7.65 0.01
N ASN G 90 -3.42 -6.79 -0.84
CA ASN G 90 -2.09 -6.24 -0.56
C ASN G 90 -2.25 -4.91 0.18
N LYS G 91 -3.39 -4.70 0.82
CA LYS G 91 -3.63 -3.48 1.59
C LYS G 91 -4.32 -3.85 2.90
N THR G 92 -4.20 -3.00 3.91
CA THR G 92 -4.88 -3.18 5.19
C THR G 92 -5.62 -1.90 5.60
N PRO G 93 -6.95 -1.96 5.75
CA PRO G 93 -7.81 -3.13 5.56
C PRO G 93 -7.74 -3.50 4.09
N ASN G 94 -8.25 -4.66 3.74
CA ASN G 94 -8.27 -5.06 2.34
C ASN G 94 -9.08 -3.99 1.60
N SER G 95 -8.71 -3.80 0.34
CA SER G 95 -9.27 -2.76 -0.53
C SER G 95 -10.32 -3.21 -1.54
N ILE G 96 -11.47 -2.57 -1.56
CA ILE G 96 -12.54 -2.95 -2.47
C ILE G 96 -12.31 -2.58 -3.91
N ALA G 97 -12.44 -3.58 -4.77
CA ALA G 97 -12.28 -3.39 -6.21
C ALA G 97 -13.62 -3.46 -6.92
N ALA G 98 -14.48 -4.37 -6.46
CA ALA G 98 -15.78 -4.57 -7.08
C ALA G 98 -16.74 -5.16 -6.05
N ILE G 99 -18.03 -5.07 -6.35
CA ILE G 99 -19.04 -5.54 -5.42
C ILE G 99 -20.22 -6.10 -6.23
N SER G 100 -20.87 -7.13 -5.70
CA SER G 100 -22.05 -7.71 -6.34
C SER G 100 -23.14 -7.78 -5.28
N MET G 101 -24.38 -7.69 -5.72
CA MET G 101 -25.55 -7.75 -4.84
C MET G 101 -26.64 -8.54 -5.55
N LYS G 102 -27.31 -9.46 -4.85
CA LYS G 102 -28.38 -10.24 -5.49
C LYS G 102 -29.65 -10.52 -4.67
N ASN G 103 -29.45 -10.73 -3.37
CA ASN G 103 -30.55 -11.01 -2.41
C ASN G 103 -30.99 -12.48 -2.40
N ALA H 1 -37.43 13.71 -32.65
CA ALA H 1 -36.65 12.67 -31.94
C ALA H 1 -37.50 11.42 -31.75
N PRO H 2 -36.85 10.27 -31.57
CA PRO H 2 -37.58 9.02 -31.39
C PRO H 2 -38.56 9.18 -30.22
N GLN H 3 -39.68 8.50 -30.34
CA GLN H 3 -40.71 8.59 -29.33
C GLN H 3 -40.80 7.32 -28.51
N THR H 4 -40.04 6.30 -28.89
CA THR H 4 -40.03 5.04 -28.18
C THR H 4 -38.63 4.48 -28.19
N ILE H 5 -38.38 3.54 -27.31
CA ILE H 5 -37.09 2.90 -27.22
C ILE H 5 -36.82 2.08 -28.49
N THR H 6 -37.83 1.38 -28.98
CA THR H 6 -37.71 0.58 -30.21
C THR H 6 -37.33 1.38 -31.45
N GLU H 7 -37.93 2.55 -31.62
CA GLU H 7 -37.61 3.37 -32.75
C GLU H 7 -36.21 3.96 -32.55
N LEU H 8 -35.88 4.28 -31.31
CA LEU H 8 -34.58 4.81 -31.03
C LEU H 8 -33.54 3.75 -31.37
N CYS H 9 -33.79 2.56 -30.88
CA CYS H 9 -32.88 1.46 -31.09
C CYS H 9 -32.57 1.21 -32.56
N SER H 10 -33.59 1.30 -33.41
CA SER H 10 -33.35 1.06 -34.83
C SER H 10 -32.46 2.06 -35.58
N GLU H 11 -32.17 3.21 -34.99
CA GLU H 11 -31.34 4.19 -35.66
C GLU H 11 -29.87 3.84 -35.60
N TYR H 12 -29.54 2.81 -34.82
CA TYR H 12 -28.16 2.42 -34.67
C TYR H 12 -27.83 1.03 -35.20
N ARG H 13 -26.58 0.84 -35.59
CA ARG H 13 -26.13 -0.46 -36.08
C ARG H 13 -25.71 -1.29 -34.87
N ASN H 14 -25.68 -2.60 -35.06
CA ASN H 14 -25.26 -3.52 -34.01
C ASN H 14 -26.19 -3.55 -32.82
N THR H 15 -27.41 -3.04 -32.95
CA THR H 15 -28.34 -3.07 -31.82
C THR H 15 -29.45 -4.08 -31.91
N GLN H 16 -30.12 -4.25 -30.79
CA GLN H 16 -31.21 -5.20 -30.71
C GLN H 16 -32.00 -4.92 -29.44
N ILE H 17 -33.32 -5.00 -29.55
CA ILE H 17 -34.19 -4.78 -28.39
C ILE H 17 -34.38 -6.11 -27.66
N TYR H 18 -34.22 -6.11 -26.34
CA TYR H 18 -34.45 -7.31 -25.53
C TYR H 18 -35.62 -6.96 -24.62
N THR H 19 -36.71 -7.73 -24.71
CA THR H 19 -37.84 -7.48 -23.83
C THR H 19 -37.53 -8.28 -22.59
N ILE H 20 -37.37 -7.57 -21.48
CA ILE H 20 -37.03 -8.22 -20.23
C ILE H 20 -38.25 -8.51 -19.38
N ASN H 21 -39.01 -7.47 -19.09
CA ASN H 21 -40.21 -7.58 -18.27
C ASN H 21 -39.89 -8.30 -16.97
N ASP H 22 -38.89 -7.84 -16.26
CA ASP H 22 -38.53 -8.49 -15.00
C ASP H 22 -37.55 -7.58 -14.26
N LYS H 23 -37.40 -7.81 -12.96
CA LYS H 23 -36.47 -6.98 -12.18
C LYS H 23 -35.06 -7.57 -12.32
N ILE H 24 -34.05 -6.74 -12.08
CA ILE H 24 -32.66 -7.19 -12.15
C ILE H 24 -32.43 -8.20 -11.04
N LEU H 25 -31.76 -9.31 -11.36
CA LEU H 25 -31.48 -10.32 -10.36
C LEU H 25 -30.24 -9.97 -9.55
N SER H 26 -29.17 -9.56 -10.22
CA SER H 26 -27.94 -9.17 -9.52
C SER H 26 -27.29 -7.96 -10.17
N TYR H 27 -26.67 -7.15 -9.33
CA TYR H 27 -26.01 -5.95 -9.75
C TYR H 27 -24.55 -6.09 -9.36
N THR H 28 -23.66 -5.80 -10.32
CA THR H 28 -22.22 -5.86 -10.11
C THR H 28 -21.56 -4.54 -10.54
N GLU H 29 -20.67 -4.03 -9.70
CA GLU H 29 -20.00 -2.76 -9.96
C GLU H 29 -18.52 -2.89 -9.68
N SER H 30 -17.68 -2.40 -10.60
CA SER H 30 -16.22 -2.49 -10.44
C SER H 30 -15.55 -1.16 -10.59
N MET H 31 -14.58 -0.89 -9.71
CA MET H 31 -13.81 0.32 -9.81
C MET H 31 -12.37 -0.06 -10.15
N ALA H 32 -12.19 -1.32 -10.56
CA ALA H 32 -10.88 -1.79 -10.93
C ALA H 32 -10.43 -1.11 -12.22
N GLY H 33 -9.14 -0.78 -12.29
CA GLY H 33 -8.55 -0.12 -13.44
C GLY H 33 -8.78 -0.84 -14.76
N LYS H 34 -9.35 -0.11 -15.71
CA LYS H 34 -9.69 -0.60 -17.04
C LYS H 34 -10.95 -1.50 -17.07
N ARG H 35 -11.62 -1.61 -15.91
CA ARG H 35 -12.86 -2.39 -15.81
C ARG H 35 -13.84 -1.60 -14.96
N GLU H 36 -13.88 -0.28 -15.18
CA GLU H 36 -14.78 0.62 -14.46
C GLU H 36 -16.11 0.47 -15.18
N MET H 37 -16.89 -0.48 -14.71
CA MET H 37 -18.15 -0.81 -15.37
C MET H 37 -19.19 -1.38 -14.42
N VAL H 38 -20.36 -1.63 -14.97
CA VAL H 38 -21.44 -2.21 -14.22
C VAL H 38 -21.98 -3.42 -14.99
N ILE H 39 -22.28 -4.50 -14.28
CA ILE H 39 -22.84 -5.69 -14.91
C ILE H 39 -24.14 -6.04 -14.19
N ILE H 40 -25.18 -6.34 -14.96
CA ILE H 40 -26.46 -6.75 -14.37
C ILE H 40 -26.87 -8.07 -15.00
N THR H 41 -27.59 -8.90 -14.25
CA THR H 41 -28.05 -10.18 -14.80
C THR H 41 -29.49 -10.40 -14.36
N PHE H 42 -30.22 -11.16 -15.16
CA PHE H 42 -31.63 -11.47 -14.89
C PHE H 42 -31.77 -12.95 -14.57
N LYS H 43 -32.90 -13.36 -14.03
CA LYS H 43 -33.04 -14.76 -13.65
C LYS H 43 -32.93 -15.74 -14.79
N SER H 44 -33.06 -15.25 -16.01
CA SER H 44 -32.94 -16.09 -17.21
C SER H 44 -31.48 -16.48 -17.38
N GLY H 45 -30.60 -15.67 -16.79
CA GLY H 45 -29.17 -15.82 -16.87
C GLY H 45 -28.57 -14.70 -17.72
N GLU H 46 -29.41 -14.04 -18.51
CA GLU H 46 -28.96 -12.96 -19.37
C GLU H 46 -28.16 -11.93 -18.64
N THR H 47 -27.03 -11.58 -19.23
CA THR H 47 -26.12 -10.61 -18.65
C THR H 47 -25.90 -9.42 -19.59
N PHE H 48 -25.85 -8.23 -19.01
CA PHE H 48 -25.63 -7.00 -19.78
C PHE H 48 -24.64 -6.14 -19.04
N GLN H 49 -24.08 -5.17 -19.74
CA GLN H 49 -23.11 -4.26 -19.12
C GLN H 49 -23.29 -2.84 -19.59
N VAL H 50 -22.76 -1.93 -18.79
CA VAL H 50 -22.64 -0.54 -19.21
C VAL H 50 -21.11 -0.56 -19.41
N GLU H 51 -20.66 -0.34 -20.65
CA GLU H 51 -19.24 -0.36 -20.97
C GLU H 51 -18.35 0.67 -20.27
N VAL H 52 -17.08 0.36 -20.18
CA VAL H 52 -16.07 1.26 -19.63
C VAL H 52 -16.01 2.42 -20.63
N PRO H 53 -15.89 3.66 -20.15
CA PRO H 53 -15.83 4.75 -21.12
C PRO H 53 -14.62 4.51 -22.04
N GLY H 54 -14.84 4.69 -23.33
CA GLY H 54 -13.75 4.43 -24.24
C GLY H 54 -13.77 5.28 -25.48
N SER H 55 -12.85 4.92 -26.36
CA SER H 55 -12.66 5.56 -27.63
C SER H 55 -13.92 5.59 -28.49
N GLN H 56 -14.74 4.54 -28.41
CA GLN H 56 -15.95 4.49 -29.22
C GLN H 56 -16.98 5.48 -28.75
N HIS H 57 -16.76 6.10 -27.60
CA HIS H 57 -17.72 7.08 -27.07
C HIS H 57 -17.40 8.54 -27.41
N ILE H 58 -18.40 9.31 -27.78
CA ILE H 58 -18.23 10.75 -28.08
C ILE H 58 -18.42 11.52 -26.78
N ASP H 59 -18.01 12.77 -26.77
CA ASP H 59 -18.12 13.60 -25.57
C ASP H 59 -19.48 13.59 -24.83
N SER H 60 -20.56 13.80 -25.56
CA SER H 60 -21.89 13.85 -25.00
C SER H 60 -22.30 12.57 -24.28
N GLN H 61 -21.63 11.45 -24.58
CA GLN H 61 -22.00 10.20 -23.93
C GLN H 61 -21.39 10.02 -22.56
N LYS H 62 -20.34 10.78 -22.26
CA LYS H 62 -19.68 10.66 -20.98
C LYS H 62 -20.65 10.80 -19.80
N LYS H 63 -21.44 11.87 -19.78
CA LYS H 63 -22.40 12.06 -18.69
C LYS H 63 -23.51 11.01 -18.75
N ALA H 64 -23.86 10.57 -19.97
CA ALA H 64 -24.95 9.60 -20.10
C ALA H 64 -24.51 8.25 -19.57
N ILE H 65 -23.25 7.91 -19.76
CA ILE H 65 -22.75 6.64 -19.27
C ILE H 65 -22.88 6.60 -17.76
N GLU H 66 -22.51 7.69 -17.10
CA GLU H 66 -22.61 7.78 -15.64
C GLU H 66 -24.07 7.73 -15.20
N ARG H 67 -24.97 8.34 -15.98
CA ARG H 67 -26.38 8.32 -15.63
C ARG H 67 -26.93 6.89 -15.69
N MET H 68 -26.62 6.18 -16.77
CA MET H 68 -27.12 4.82 -16.93
C MET H 68 -26.71 3.96 -15.73
N LYS H 69 -25.45 4.08 -15.30
CA LYS H 69 -25.00 3.32 -14.13
C LYS H 69 -25.80 3.72 -12.88
N ASP H 70 -26.02 5.02 -12.70
CA ASP H 70 -26.80 5.49 -11.56
C ASP H 70 -28.19 4.84 -11.66
N THR H 71 -28.75 4.84 -12.86
CA THR H 71 -30.07 4.28 -13.08
C THR H 71 -30.17 2.80 -12.77
N LEU H 72 -29.18 2.04 -13.21
CA LEU H 72 -29.23 0.62 -12.93
C LEU H 72 -29.13 0.31 -11.44
N ARG H 73 -28.32 1.09 -10.71
CA ARG H 73 -28.15 0.86 -9.28
C ARG H 73 -29.48 1.06 -8.55
N ILE H 74 -30.13 2.20 -8.80
CA ILE H 74 -31.39 2.49 -8.15
C ILE H 74 -32.51 1.54 -8.59
N THR H 75 -32.53 1.13 -9.86
CA THR H 75 -33.56 0.20 -10.33
C THR H 75 -33.38 -1.13 -9.62
N TYR H 76 -32.13 -1.54 -9.44
CA TYR H 76 -31.87 -2.80 -8.74
C TYR H 76 -32.35 -2.69 -7.30
N LEU H 77 -31.85 -1.67 -6.60
CA LEU H 77 -32.19 -1.47 -5.21
C LEU H 77 -33.69 -1.39 -4.92
N THR H 78 -34.46 -0.82 -5.85
CA THR H 78 -35.90 -0.68 -5.69
C THR H 78 -36.68 -1.83 -6.28
N GLU H 79 -35.98 -2.81 -6.84
CA GLU H 79 -36.60 -3.97 -7.45
C GLU H 79 -37.64 -3.56 -8.50
N THR H 80 -37.32 -2.52 -9.25
CA THR H 80 -38.19 -2.03 -10.32
C THR H 80 -38.05 -2.91 -11.58
N LYS H 81 -39.18 -3.24 -12.16
CA LYS H 81 -39.21 -4.08 -13.35
C LYS H 81 -38.75 -3.34 -14.59
N ILE H 82 -37.87 -3.98 -15.34
CA ILE H 82 -37.40 -3.37 -16.57
C ILE H 82 -38.24 -3.93 -17.69
N ASP H 83 -38.66 -3.04 -18.59
CA ASP H 83 -39.47 -3.45 -19.71
C ASP H 83 -38.54 -3.91 -20.82
N LYS H 84 -37.89 -2.97 -21.48
CA LYS H 84 -36.98 -3.34 -22.56
C LYS H 84 -35.61 -2.72 -22.42
N LEU H 85 -34.66 -3.33 -23.10
CA LEU H 85 -33.28 -2.84 -23.14
C LEU H 85 -32.85 -2.80 -24.60
N CYS H 86 -32.32 -1.67 -25.05
CA CYS H 86 -31.77 -1.57 -26.39
C CYS H 86 -30.29 -1.82 -26.15
N VAL H 87 -29.71 -2.80 -26.83
CA VAL H 87 -28.29 -3.07 -26.59
C VAL H 87 -27.49 -3.25 -27.86
N TRP H 88 -26.19 -3.07 -27.74
CA TRP H 88 -25.29 -3.30 -28.85
C TRP H 88 -24.87 -4.74 -28.60
N ASN H 89 -25.22 -5.63 -29.51
CA ASN H 89 -24.88 -7.02 -29.32
C ASN H 89 -23.51 -7.42 -29.88
N ASN H 90 -22.72 -6.41 -30.28
CA ASN H 90 -21.37 -6.68 -30.77
C ASN H 90 -20.37 -6.68 -29.60
N LYS H 91 -20.89 -6.71 -28.37
CA LYS H 91 -20.07 -6.75 -27.17
C LYS H 91 -20.57 -7.87 -26.27
N THR H 92 -19.71 -8.38 -25.41
CA THR H 92 -20.07 -9.42 -24.46
C THR H 92 -19.55 -8.99 -23.10
N PRO H 93 -20.43 -8.82 -22.10
CA PRO H 93 -21.89 -8.99 -22.14
C PRO H 93 -22.48 -7.98 -23.10
N ASN H 94 -23.72 -8.16 -23.53
CA ASN H 94 -24.32 -7.17 -24.43
C ASN H 94 -24.32 -5.83 -23.69
N SER H 95 -24.00 -4.80 -24.45
CA SER H 95 -23.86 -3.44 -23.95
C SER H 95 -25.15 -2.57 -23.98
N ILE H 96 -25.54 -2.03 -22.83
CA ILE H 96 -26.73 -1.22 -22.76
C ILE H 96 -26.67 0.16 -23.42
N ALA H 97 -27.57 0.38 -24.39
CA ALA H 97 -27.69 1.63 -25.11
C ALA H 97 -28.84 2.47 -24.52
N ALA H 98 -29.94 1.79 -24.21
CA ALA H 98 -31.12 2.45 -23.65
C ALA H 98 -31.93 1.47 -22.82
N ILE H 99 -32.76 2.02 -21.93
CA ILE H 99 -33.57 1.17 -21.09
C ILE H 99 -34.95 1.77 -20.99
N SER H 100 -35.97 0.92 -20.86
CA SER H 100 -37.36 1.40 -20.69
C SER H 100 -37.95 0.66 -19.50
N MET H 101 -38.84 1.33 -18.78
CA MET H 101 -39.51 0.75 -17.61
C MET H 101 -40.93 1.28 -17.55
N LYS H 102 -41.92 0.43 -17.28
CA LYS H 102 -43.30 0.91 -17.19
C LYS H 102 -44.15 0.38 -16.02
N ASN H 103 -45.20 1.11 -15.73
CA ASN H 103 -46.14 0.76 -14.68
C ASN H 103 -47.52 0.47 -15.26
N ALA I 1 -39.09 37.30 -10.33
CA ALA I 1 -39.20 35.95 -10.93
C ALA I 1 -40.63 35.45 -10.84
N PRO I 2 -41.03 34.56 -11.77
CA PRO I 2 -42.39 34.01 -11.79
C PRO I 2 -42.63 33.18 -10.54
N GLN I 3 -43.90 33.18 -10.13
CA GLN I 3 -44.34 32.47 -8.93
C GLN I 3 -44.93 31.11 -9.18
N THR I 4 -45.24 30.79 -10.44
CA THR I 4 -45.83 29.51 -10.75
C THR I 4 -45.34 29.07 -12.10
N ILE I 5 -45.52 27.78 -12.37
CA ILE I 5 -45.08 27.19 -13.62
C ILE I 5 -45.82 27.81 -14.80
N THR I 6 -47.09 28.15 -14.61
CA THR I 6 -47.81 28.75 -15.72
C THR I 6 -47.25 30.16 -15.99
N GLU I 7 -46.95 30.94 -14.95
CA GLU I 7 -46.40 32.28 -15.22
C GLU I 7 -45.10 32.11 -16.00
N LEU I 8 -44.27 31.20 -15.53
CA LEU I 8 -42.98 30.94 -16.12
C LEU I 8 -43.15 30.51 -17.58
N CYS I 9 -44.09 29.60 -17.79
CA CYS I 9 -44.31 29.05 -19.11
C CYS I 9 -44.71 30.10 -20.12
N SER I 10 -45.51 31.06 -19.67
CA SER I 10 -45.99 32.10 -20.53
C SER I 10 -44.92 33.11 -20.95
N GLU I 11 -43.73 33.02 -20.33
CA GLU I 11 -42.60 33.92 -20.65
C GLU I 11 -41.83 33.51 -21.92
N TYR I 12 -42.17 32.35 -22.46
CA TYR I 12 -41.50 31.80 -23.64
C TYR I 12 -42.45 31.56 -24.78
N ARG I 13 -41.95 31.59 -26.01
CA ARG I 13 -42.76 31.32 -27.18
C ARG I 13 -42.81 29.80 -27.46
N ASN I 14 -43.82 29.34 -28.20
CA ASN I 14 -43.93 27.91 -28.56
C ASN I 14 -44.01 26.98 -27.35
N THR I 15 -44.63 27.44 -26.29
CA THR I 15 -44.77 26.59 -25.14
C THR I 15 -46.22 26.45 -24.75
N GLN I 16 -46.50 25.45 -23.95
CA GLN I 16 -47.84 25.27 -23.42
C GLN I 16 -47.80 24.40 -22.18
N ILE I 17 -48.79 24.60 -21.33
CA ILE I 17 -48.92 23.83 -20.10
C ILE I 17 -49.80 22.64 -20.39
N TYR I 18 -49.36 21.47 -19.93
CA TYR I 18 -50.15 20.25 -20.04
C TYR I 18 -50.35 19.90 -18.60
N THR I 19 -51.59 19.82 -18.15
CA THR I 19 -51.83 19.45 -16.78
C THR I 19 -51.94 17.94 -16.82
N ILE I 20 -51.10 17.29 -16.03
CA ILE I 20 -51.06 15.84 -16.00
C ILE I 20 -51.82 15.23 -14.84
N ASN I 21 -51.45 15.66 -13.63
CA ASN I 21 -52.03 15.16 -12.38
C ASN I 21 -52.09 13.64 -12.39
N ASP I 22 -50.97 13.03 -12.72
CA ASP I 22 -50.87 11.58 -12.77
C ASP I 22 -49.40 11.20 -12.68
N LYS I 23 -49.12 9.95 -12.34
CA LYS I 23 -47.74 9.51 -12.27
C LYS I 23 -47.31 9.13 -13.68
N ILE I 24 -46.01 8.98 -13.87
CA ILE I 24 -45.43 8.59 -15.15
C ILE I 24 -45.71 7.12 -15.46
N LEU I 25 -46.28 6.87 -16.62
CA LEU I 25 -46.55 5.50 -17.03
C LEU I 25 -45.25 4.79 -17.39
N SER I 26 -44.46 5.37 -18.28
CA SER I 26 -43.19 4.72 -18.67
C SER I 26 -42.05 5.71 -18.70
N TYR I 27 -40.85 5.19 -18.45
CA TYR I 27 -39.64 5.99 -18.42
C TYR I 27 -38.61 5.35 -19.35
N THR I 28 -38.05 6.12 -20.27
CA THR I 28 -37.05 5.62 -21.19
C THR I 28 -35.82 6.52 -21.15
N GLU I 29 -34.63 5.93 -21.07
CA GLU I 29 -33.39 6.69 -20.97
C GLU I 29 -32.38 6.09 -21.94
N SER I 30 -31.71 6.94 -22.69
CA SER I 30 -30.74 6.48 -23.67
C SER I 30 -29.37 7.14 -23.53
N MET I 31 -28.32 6.33 -23.65
CA MET I 31 -26.96 6.83 -23.62
C MET I 31 -26.34 6.65 -25.02
N ALA I 32 -27.20 6.33 -25.99
CA ALA I 32 -26.76 6.15 -27.37
C ALA I 32 -26.30 7.51 -27.92
N GLY I 33 -25.23 7.48 -28.71
CA GLY I 33 -24.64 8.68 -29.28
C GLY I 33 -25.59 9.57 -30.05
N LYS I 34 -25.63 10.85 -29.68
CA LYS I 34 -26.50 11.85 -30.32
C LYS I 34 -27.95 11.66 -29.93
N ARG I 35 -28.24 10.71 -29.05
CA ARG I 35 -29.60 10.53 -28.59
C ARG I 35 -29.58 10.39 -27.07
N GLU I 36 -28.70 11.15 -26.40
CA GLU I 36 -28.60 11.10 -24.95
C GLU I 36 -29.82 11.87 -24.46
N MET I 37 -30.88 11.13 -24.19
CA MET I 37 -32.14 11.75 -23.78
C MET I 37 -33.01 10.85 -22.89
N VAL I 38 -34.13 11.42 -22.46
CA VAL I 38 -35.11 10.69 -21.65
C VAL I 38 -36.48 10.94 -22.28
N ILE I 39 -37.30 9.90 -22.35
CA ILE I 39 -38.65 9.99 -22.92
C ILE I 39 -39.62 9.47 -21.87
N ILE I 40 -40.71 10.19 -21.63
CA ILE I 40 -41.68 9.68 -20.66
C ILE I 40 -43.05 9.65 -21.31
N THR I 41 -43.91 8.75 -20.84
CA THR I 41 -45.26 8.68 -21.39
C THR I 41 -46.21 8.61 -20.21
N PHE I 42 -47.47 8.88 -20.50
CA PHE I 42 -48.55 8.84 -19.52
C PHE I 42 -49.71 8.05 -20.08
N LYS I 43 -50.51 7.55 -19.17
CA LYS I 43 -51.69 6.74 -19.43
C LYS I 43 -52.61 7.42 -20.44
N SER I 44 -52.58 8.74 -20.43
CA SER I 44 -53.39 9.59 -21.29
C SER I 44 -53.03 9.43 -22.77
N GLY I 45 -51.82 8.94 -23.04
CA GLY I 45 -51.38 8.81 -24.41
C GLY I 45 -50.35 9.89 -24.76
N GLU I 46 -50.07 10.80 -23.83
CA GLU I 46 -49.07 11.82 -24.09
C GLU I 46 -47.67 11.30 -23.91
N THR I 47 -46.76 11.81 -24.71
CA THR I 47 -45.37 11.43 -24.67
C THR I 47 -44.54 12.71 -24.63
N PHE I 48 -43.56 12.80 -23.75
CA PHE I 48 -42.72 13.98 -23.67
C PHE I 48 -41.25 13.60 -23.62
N GLN I 49 -40.40 14.56 -23.98
CA GLN I 49 -38.96 14.32 -23.98
C GLN I 49 -38.14 15.43 -23.33
N VAL I 50 -36.97 15.06 -22.82
CA VAL I 50 -36.03 16.05 -22.33
C VAL I 50 -35.05 15.91 -23.52
N GLU I 51 -34.91 16.98 -24.29
CA GLU I 51 -34.07 16.96 -25.47
C GLU I 51 -32.59 16.72 -25.21
N VAL I 52 -31.91 16.24 -26.24
CA VAL I 52 -30.46 16.03 -26.18
C VAL I 52 -29.88 17.45 -26.11
N PRO I 53 -28.85 17.67 -25.27
CA PRO I 53 -28.28 19.01 -25.21
C PRO I 53 -27.87 19.37 -26.63
N GLY I 54 -28.21 20.58 -27.09
CA GLY I 54 -27.88 20.94 -28.46
C GLY I 54 -27.46 22.38 -28.58
N SER I 55 -27.27 22.86 -29.81
CA SER I 55 -26.83 24.22 -30.07
C SER I 55 -27.79 25.29 -29.57
N GLN I 56 -29.06 24.93 -29.42
CA GLN I 56 -30.03 25.91 -28.94
C GLN I 56 -29.85 26.19 -27.46
N HIS I 57 -29.16 25.30 -26.74
CA HIS I 57 -29.01 25.50 -25.30
C HIS I 57 -27.85 26.39 -24.88
N ILE I 58 -28.05 27.18 -23.82
CA ILE I 58 -26.99 28.00 -23.27
C ILE I 58 -26.37 27.23 -22.09
N ASP I 59 -25.13 27.56 -21.74
CA ASP I 59 -24.44 26.89 -20.63
C ASP I 59 -25.29 26.62 -19.39
N SER I 60 -25.95 27.66 -18.90
CA SER I 60 -26.79 27.56 -17.71
C SER I 60 -27.89 26.46 -17.84
N GLN I 61 -28.24 26.10 -19.06
CA GLN I 61 -29.25 25.08 -19.21
C GLN I 61 -28.70 23.67 -19.12
N LYS I 62 -27.40 23.53 -19.37
CA LYS I 62 -26.79 22.22 -19.35
C LYS I 62 -26.94 21.54 -18.00
N LYS I 63 -26.65 22.26 -16.93
CA LYS I 63 -26.82 21.70 -15.59
C LYS I 63 -28.30 21.44 -15.34
N ALA I 64 -29.17 22.33 -15.80
CA ALA I 64 -30.61 22.16 -15.58
C ALA I 64 -31.17 20.95 -16.32
N ILE I 65 -30.66 20.70 -17.51
CA ILE I 65 -31.10 19.56 -18.29
C ILE I 65 -30.81 18.26 -17.53
N GLU I 66 -29.63 18.16 -16.93
CA GLU I 66 -29.26 16.96 -16.16
C GLU I 66 -30.15 16.86 -14.93
N ARG I 67 -30.49 18.00 -14.34
CA ARG I 67 -31.36 17.96 -13.18
C ARG I 67 -32.75 17.45 -13.55
N MET I 68 -33.30 17.95 -14.66
CA MET I 68 -34.64 17.55 -15.07
C MET I 68 -34.71 16.04 -15.27
N LYS I 69 -33.70 15.46 -15.90
CA LYS I 69 -33.67 14.01 -16.10
C LYS I 69 -33.60 13.27 -14.76
N ASP I 70 -32.82 13.81 -13.82
CA ASP I 70 -32.70 13.21 -12.49
C ASP I 70 -34.11 13.24 -11.84
N THR I 71 -34.78 14.38 -11.94
CA THR I 71 -36.09 14.53 -11.38
C THR I 71 -37.08 13.57 -11.98
N LEU I 72 -37.06 13.43 -13.30
CA LEU I 72 -37.99 12.50 -13.92
C LEU I 72 -37.78 11.04 -13.49
N ARG I 73 -36.52 10.64 -13.30
CA ARG I 73 -36.24 9.27 -12.92
C ARG I 73 -36.77 8.97 -11.53
N ILE I 74 -36.44 9.83 -10.58
CA ILE I 74 -36.89 9.60 -9.21
C ILE I 74 -38.40 9.70 -9.10
N THR I 75 -38.98 10.62 -9.88
CA THR I 75 -40.43 10.79 -9.87
C THR I 75 -41.08 9.50 -10.34
N TYR I 76 -40.54 8.96 -11.43
CA TYR I 76 -41.04 7.73 -11.98
C TYR I 76 -40.91 6.57 -10.99
N LEU I 77 -39.73 6.39 -10.43
CA LEU I 77 -39.52 5.27 -9.53
C LEU I 77 -40.35 5.34 -8.25
N THR I 78 -40.66 6.54 -7.81
CA THR I 78 -41.46 6.72 -6.59
C THR I 78 -42.96 6.83 -6.89
N GLU I 79 -43.29 6.76 -8.18
CA GLU I 79 -44.68 6.88 -8.61
C GLU I 79 -45.29 8.18 -8.11
N THR I 80 -44.50 9.23 -8.15
CA THR I 80 -44.94 10.54 -7.71
C THR I 80 -45.84 11.19 -8.76
N LYS I 81 -46.93 11.80 -8.31
CA LYS I 81 -47.86 12.43 -9.22
C LYS I 81 -47.29 13.75 -9.77
N ILE I 82 -47.27 13.89 -11.08
CA ILE I 82 -46.81 15.14 -11.69
C ILE I 82 -47.99 16.08 -11.82
N ASP I 83 -47.82 17.35 -11.51
CA ASP I 83 -48.91 18.30 -11.63
C ASP I 83 -48.99 18.77 -13.08
N LYS I 84 -48.09 19.70 -13.45
CA LYS I 84 -48.10 20.21 -14.80
C LYS I 84 -46.76 20.08 -15.45
N LEU I 85 -46.76 20.16 -16.76
CA LEU I 85 -45.54 20.19 -17.54
C LEU I 85 -45.66 21.41 -18.49
N CYS I 86 -44.61 22.22 -18.54
CA CYS I 86 -44.57 23.35 -19.45
C CYS I 86 -43.70 22.77 -20.56
N VAL I 87 -44.21 22.72 -21.78
CA VAL I 87 -43.44 22.11 -22.86
C VAL I 87 -43.31 22.98 -24.10
N TRP I 88 -42.25 22.74 -24.87
CA TRP I 88 -42.07 23.44 -26.12
C TRP I 88 -42.81 22.54 -27.09
N ASN I 89 -43.77 23.11 -27.81
CA ASN I 89 -44.55 22.30 -28.72
C ASN I 89 -44.08 22.31 -30.17
N ASN I 90 -42.85 22.78 -30.40
CA ASN I 90 -42.29 22.78 -31.74
C ASN I 90 -41.23 21.70 -31.85
N LYS I 91 -41.42 20.63 -31.08
CA LYS I 91 -40.52 19.48 -31.06
C LYS I 91 -41.38 18.24 -30.89
N THR I 92 -40.95 17.11 -31.45
CA THR I 92 -41.72 15.89 -31.31
C THR I 92 -40.81 14.76 -30.84
N PRO I 93 -41.09 14.20 -29.64
CA PRO I 93 -42.20 14.58 -28.75
C PRO I 93 -42.00 16.00 -28.22
N ASN I 94 -43.04 16.53 -27.57
CA ASN I 94 -42.98 17.87 -27.03
C ASN I 94 -41.88 17.85 -26.00
N SER I 95 -41.20 18.98 -25.88
CA SER I 95 -40.04 19.08 -25.02
C SER I 95 -40.28 19.77 -23.68
N ILE I 96 -39.84 19.13 -22.63
CA ILE I 96 -40.02 19.65 -21.29
C ILE I 96 -39.13 20.85 -20.95
N ALA I 97 -39.78 21.91 -20.54
CA ALA I 97 -39.14 23.16 -20.14
C ALA I 97 -39.21 23.29 -18.62
N ALA I 98 -40.31 22.83 -18.04
CA ALA I 98 -40.52 22.88 -16.58
C ALA I 98 -41.52 21.80 -16.12
N ILE I 99 -41.46 21.49 -14.82
CA ILE I 99 -42.31 20.47 -14.21
C ILE I 99 -42.73 20.95 -12.81
N SER I 100 -43.96 20.62 -12.42
CA SER I 100 -44.45 20.92 -11.08
C SER I 100 -45.08 19.65 -10.53
N MET I 101 -44.92 19.44 -9.23
CA MET I 101 -45.49 18.29 -8.56
C MET I 101 -46.25 18.79 -7.34
N LYS I 102 -47.38 18.19 -7.08
CA LYS I 102 -48.23 18.53 -5.93
C LYS I 102 -49.18 17.35 -5.67
N ASN I 103 -49.37 17.00 -4.40
CA ASN I 103 -50.25 15.91 -3.95
C ASN I 103 -49.59 14.58 -3.61
N ALA J 1 -18.56 29.58 14.04
CA ALA J 1 -19.59 29.62 12.95
C ALA J 1 -20.94 29.60 13.66
N PRO J 2 -22.01 30.01 12.97
CA PRO J 2 -23.31 29.99 13.66
C PRO J 2 -23.73 28.58 14.08
N GLN J 3 -24.60 28.51 15.09
CA GLN J 3 -25.09 27.24 15.62
C GLN J 3 -26.54 26.93 15.31
N THR J 4 -27.25 27.90 14.74
CA THR J 4 -28.66 27.72 14.39
C THR J 4 -28.94 28.52 13.13
N ILE J 5 -30.07 28.22 12.50
CA ILE J 5 -30.44 28.90 11.27
C ILE J 5 -30.74 30.36 11.58
N THR J 6 -31.29 30.62 12.76
CA THR J 6 -31.62 31.97 13.16
C THR J 6 -30.36 32.78 13.34
N GLU J 7 -29.36 32.22 14.01
CA GLU J 7 -28.10 32.93 14.15
C GLU J 7 -27.54 33.21 12.76
N LEU J 8 -27.48 32.18 11.93
CA LEU J 8 -26.93 32.36 10.60
C LEU J 8 -27.67 33.43 9.82
N CYS J 9 -29.00 33.38 9.85
CA CYS J 9 -29.81 34.32 9.11
C CYS J 9 -29.52 35.75 9.52
N SER J 10 -29.27 35.95 10.81
CA SER J 10 -29.02 37.26 11.35
C SER J 10 -27.68 37.85 10.95
N GLU J 11 -26.82 37.07 10.32
CA GLU J 11 -25.52 37.58 9.89
C GLU J 11 -25.57 38.28 8.55
N TYR J 12 -26.75 38.31 7.95
CA TYR J 12 -26.91 38.92 6.63
C TYR J 12 -27.96 40.01 6.62
N ARG J 13 -27.85 40.93 5.67
CA ARG J 13 -28.82 42.00 5.55
C ARG J 13 -29.91 41.56 4.56
N ASN J 14 -31.08 42.16 4.65
CA ASN J 14 -32.19 41.82 3.76
C ASN J 14 -32.71 40.40 3.92
N THR J 15 -32.53 39.82 5.09
CA THR J 15 -33.02 38.46 5.32
C THR J 15 -34.01 38.40 6.47
N GLN J 16 -34.77 37.32 6.52
CA GLN J 16 -35.70 37.09 7.61
C GLN J 16 -36.01 35.61 7.66
N ILE J 17 -36.42 35.16 8.84
CA ILE J 17 -36.77 33.76 9.04
C ILE J 17 -38.27 33.57 8.89
N TYR J 18 -38.66 32.60 8.08
CA TYR J 18 -40.05 32.26 7.95
C TYR J 18 -40.15 30.90 8.63
N THR J 19 -41.00 30.80 9.66
CA THR J 19 -41.17 29.51 10.30
C THR J 19 -42.29 28.82 9.55
N ILE J 20 -41.97 27.65 9.01
CA ILE J 20 -42.92 26.87 8.24
C ILE J 20 -43.62 25.74 8.99
N ASN J 21 -42.82 24.82 9.54
CA ASN J 21 -43.31 23.64 10.24
C ASN J 21 -44.39 22.93 9.44
N ASP J 22 -44.06 22.59 8.20
CA ASP J 22 -45.00 21.91 7.34
C ASP J 22 -44.20 21.40 6.17
N LYS J 23 -44.76 20.43 5.47
CA LYS J 23 -44.13 19.86 4.28
C LYS J 23 -44.39 20.82 3.12
N ILE J 24 -43.63 20.67 2.05
CA ILE J 24 -43.78 21.50 0.87
C ILE J 24 -45.07 21.05 0.16
N LEU J 25 -45.93 22.02 -0.19
CA LEU J 25 -47.16 21.71 -0.90
C LEU J 25 -46.88 21.44 -2.39
N SER J 26 -46.12 22.33 -3.06
CA SER J 26 -45.77 22.08 -4.45
C SER J 26 -44.31 22.41 -4.76
N TYR J 27 -43.76 21.60 -5.65
CA TYR J 27 -42.38 21.74 -6.09
C TYR J 27 -42.40 22.01 -7.59
N THR J 28 -41.76 23.09 -8.02
CA THR J 28 -41.69 23.45 -9.43
C THR J 28 -40.22 23.59 -9.84
N GLU J 29 -39.85 23.03 -10.98
CA GLU J 29 -38.46 23.09 -11.43
C GLU J 29 -38.40 23.44 -12.93
N SER J 30 -37.58 24.44 -13.26
CA SER J 30 -37.45 24.89 -14.66
C SER J 30 -36.07 24.81 -15.22
N MET J 31 -35.99 24.36 -16.47
CA MET J 31 -34.71 24.30 -17.17
C MET J 31 -34.83 25.29 -18.36
N ALA J 32 -35.82 26.18 -18.31
CA ALA J 32 -36.01 27.18 -19.38
C ALA J 32 -34.90 28.22 -19.27
N GLY J 33 -34.37 28.63 -20.42
CA GLY J 33 -33.28 29.59 -20.45
C GLY J 33 -33.45 30.85 -19.63
N LYS J 34 -32.46 31.14 -18.79
CA LYS J 34 -32.47 32.31 -17.92
C LYS J 34 -33.44 32.15 -16.76
N ARG J 35 -34.12 30.99 -16.69
CA ARG J 35 -35.04 30.76 -15.59
C ARG J 35 -34.79 29.41 -14.97
N GLU J 36 -33.53 29.00 -14.98
CA GLU J 36 -33.12 27.71 -14.40
C GLU J 36 -33.22 27.88 -12.89
N MET J 37 -34.40 27.57 -12.35
CA MET J 37 -34.68 27.79 -10.93
C MET J 37 -35.68 26.76 -10.35
N VAL J 38 -35.90 26.85 -9.05
CA VAL J 38 -36.85 25.99 -8.37
C VAL J 38 -37.74 26.90 -7.54
N ILE J 39 -39.03 26.57 -7.50
CA ILE J 39 -40.03 27.33 -6.74
C ILE J 39 -40.80 26.35 -5.88
N ILE J 40 -40.95 26.66 -4.60
CA ILE J 40 -41.76 25.80 -3.72
C ILE J 40 -42.86 26.66 -3.10
N THR J 41 -43.98 26.03 -2.74
CA THR J 41 -45.08 26.74 -2.11
C THR J 41 -45.53 25.93 -0.92
N PHE J 42 -46.28 26.59 -0.04
CA PHE J 42 -46.81 25.94 1.15
C PHE J 42 -48.29 26.23 1.26
N LYS J 43 -49.00 25.33 1.94
CA LYS J 43 -50.43 25.45 2.19
C LYS J 43 -50.80 26.82 2.67
N SER J 44 -49.88 27.45 3.39
CA SER J 44 -50.07 28.79 3.95
C SER J 44 -50.28 29.81 2.83
N GLY J 45 -49.89 29.44 1.61
CA GLY J 45 -49.99 30.32 0.47
C GLY J 45 -48.66 31.01 0.24
N GLU J 46 -47.66 30.72 1.06
CA GLU J 46 -46.35 31.35 0.89
C GLU J 46 -45.54 30.66 -0.20
N THR J 47 -44.81 31.48 -0.98
CA THR J 47 -44.03 30.97 -2.09
C THR J 47 -42.58 31.42 -2.00
N PHE J 48 -41.64 30.53 -2.28
CA PHE J 48 -40.22 30.87 -2.23
C PHE J 48 -39.47 30.31 -3.41
N GLN J 49 -38.32 30.91 -3.71
CA GLN J 49 -37.52 30.43 -4.83
C GLN J 49 -36.05 30.21 -4.46
N VAL J 50 -35.38 29.43 -5.29
CA VAL J 50 -33.93 29.28 -5.20
C VAL J 50 -33.67 30.04 -6.49
N GLU J 51 -33.03 31.19 -6.38
CA GLU J 51 -32.72 32.06 -7.52
C GLU J 51 -31.85 31.42 -8.59
N VAL J 52 -32.03 31.91 -9.81
CA VAL J 52 -31.19 31.48 -10.94
C VAL J 52 -29.75 31.93 -10.57
N PRO J 53 -28.73 31.08 -10.80
CA PRO J 53 -27.39 31.54 -10.44
C PRO J 53 -27.13 32.87 -11.17
N GLY J 54 -26.70 33.89 -10.45
CA GLY J 54 -26.51 35.18 -11.08
C GLY J 54 -25.23 35.89 -10.67
N SER J 55 -25.06 37.11 -11.17
CA SER J 55 -23.88 37.93 -10.92
C SER J 55 -23.62 38.15 -9.46
N GLN J 56 -24.67 38.08 -8.65
CA GLN J 56 -24.49 38.31 -7.22
C GLN J 56 -23.81 37.15 -6.49
N HIS J 57 -23.90 35.94 -7.01
CA HIS J 57 -23.31 34.76 -6.36
C HIS J 57 -21.82 34.52 -6.54
N ILE J 58 -21.12 34.17 -5.47
CA ILE J 58 -19.70 33.86 -5.61
C ILE J 58 -19.61 32.36 -5.96
N ASP J 59 -18.44 31.92 -6.38
CA ASP J 59 -18.26 30.52 -6.77
C ASP J 59 -18.67 29.49 -5.71
N SER J 60 -18.38 29.79 -4.46
CA SER J 60 -18.70 28.90 -3.35
C SER J 60 -20.21 28.66 -3.30
N GLN J 61 -20.98 29.66 -3.71
CA GLN J 61 -22.44 29.55 -3.70
C GLN J 61 -23.02 28.73 -4.83
N LYS J 62 -22.41 28.79 -6.01
CA LYS J 62 -22.91 28.05 -7.16
C LYS J 62 -23.11 26.58 -6.79
N LYS J 63 -22.10 25.99 -6.16
CA LYS J 63 -22.20 24.60 -5.76
C LYS J 63 -23.29 24.45 -4.69
N ALA J 64 -23.37 25.42 -3.78
CA ALA J 64 -24.37 25.35 -2.69
C ALA J 64 -25.79 25.49 -3.25
N ILE J 65 -25.92 26.27 -4.31
CA ILE J 65 -27.22 26.46 -4.96
C ILE J 65 -27.75 25.12 -5.49
N GLU J 66 -26.90 24.36 -6.16
CA GLU J 66 -27.32 23.06 -6.68
C GLU J 66 -27.70 22.12 -5.54
N ARG J 67 -26.99 22.21 -4.42
CA ARG J 67 -27.29 21.36 -3.27
C ARG J 67 -28.67 21.72 -2.70
N MET J 68 -28.95 23.02 -2.59
CA MET J 68 -30.22 23.45 -2.04
C MET J 68 -31.35 22.91 -2.88
N LYS J 69 -31.19 22.96 -4.23
CA LYS J 69 -32.25 22.43 -5.09
C LYS J 69 -32.42 20.91 -4.91
N ASP J 70 -31.32 20.20 -4.71
CA ASP J 70 -31.35 18.75 -4.49
C ASP J 70 -32.11 18.52 -3.22
N THR J 71 -31.79 19.32 -2.22
CA THR J 71 -32.44 19.16 -0.93
C THR J 71 -33.93 19.41 -1.03
N LEU J 72 -34.34 20.47 -1.71
CA LEU J 72 -35.77 20.74 -1.81
C LEU J 72 -36.56 19.62 -2.50
N ARG J 73 -35.97 19.04 -3.52
CA ARG J 73 -36.62 17.96 -4.25
C ARG J 73 -36.84 16.74 -3.38
N ILE J 74 -35.82 16.29 -2.67
CA ILE J 74 -35.98 15.11 -1.83
C ILE J 74 -36.91 15.41 -0.66
N THR J 75 -36.85 16.62 -0.14
CA THR J 75 -37.72 17.01 0.97
C THR J 75 -39.17 16.99 0.48
N TYR J 76 -39.39 17.44 -0.75
CA TYR J 76 -40.74 17.43 -1.28
C TYR J 76 -41.24 15.99 -1.44
N LEU J 77 -40.44 15.17 -2.10
CA LEU J 77 -40.84 13.79 -2.37
C LEU J 77 -41.09 12.93 -1.13
N THR J 78 -40.33 13.18 -0.08
CA THR J 78 -40.47 12.41 1.16
C THR J 78 -41.48 13.07 2.12
N GLU J 79 -42.04 14.20 1.71
CA GLU J 79 -43.00 14.93 2.54
C GLU J 79 -42.41 15.25 3.91
N THR J 80 -41.12 15.55 3.94
CA THR J 80 -40.48 15.89 5.19
C THR J 80 -40.88 17.27 5.64
N LYS J 81 -41.12 17.45 6.93
CA LYS J 81 -41.52 18.77 7.41
C LYS J 81 -40.36 19.74 7.49
N ILE J 82 -40.56 20.93 6.97
CA ILE J 82 -39.55 21.96 7.03
C ILE J 82 -39.81 22.80 8.28
N ASP J 83 -38.75 23.10 9.02
CA ASP J 83 -38.86 23.89 10.23
C ASP J 83 -38.83 25.38 9.86
N LYS J 84 -37.65 25.87 9.56
CA LYS J 84 -37.49 27.27 9.17
C LYS J 84 -36.79 27.46 7.84
N LEU J 85 -37.02 28.65 7.27
CA LEU J 85 -36.42 29.07 6.03
C LEU J 85 -35.81 30.47 6.29
N CYS J 86 -34.53 30.64 5.98
CA CYS J 86 -33.91 31.98 6.08
C CYS J 86 -34.00 32.46 4.64
N VAL J 87 -34.61 33.61 4.41
CA VAL J 87 -34.76 34.07 3.04
C VAL J 87 -34.40 35.53 2.84
N TRP J 88 -33.98 35.87 1.62
CA TRP J 88 -33.69 37.26 1.28
C TRP J 88 -35.04 37.84 0.90
N ASN J 89 -35.44 38.95 1.53
CA ASN J 89 -36.74 39.54 1.23
C ASN J 89 -36.71 40.63 0.18
N ASN J 90 -35.58 40.76 -0.48
CA ASN J 90 -35.49 41.78 -1.52
C ASN J 90 -35.64 41.15 -2.89
N LYS J 91 -36.33 40.02 -2.95
CA LYS J 91 -36.61 39.33 -4.21
C LYS J 91 -38.05 38.81 -4.16
N THR J 92 -38.68 38.66 -5.32
CA THR J 92 -40.03 38.14 -5.39
C THR J 92 -40.04 36.99 -6.39
N PRO J 93 -40.33 35.77 -5.92
CA PRO J 93 -40.68 35.54 -4.51
C PRO J 93 -39.38 35.60 -3.68
N ASN J 94 -39.52 35.55 -2.36
CA ASN J 94 -38.34 35.59 -1.49
C ASN J 94 -37.43 34.46 -1.84
N SER J 95 -36.16 34.71 -1.71
CA SER J 95 -35.11 33.79 -2.07
C SER J 95 -34.53 32.99 -0.90
N ILE J 96 -34.51 31.67 -1.03
CA ILE J 96 -34.01 30.81 0.04
C ILE J 96 -32.50 30.87 0.26
N ALA J 97 -32.09 31.28 1.46
CA ALA J 97 -30.69 31.36 1.85
C ALA J 97 -30.32 30.11 2.65
N ALA J 98 -31.26 29.62 3.46
CA ALA J 98 -30.99 28.45 4.28
C ALA J 98 -32.30 27.77 4.67
N ILE J 99 -32.18 26.50 5.08
CA ILE J 99 -33.33 25.69 5.49
C ILE J 99 -32.95 24.86 6.72
N SER J 100 -33.95 24.52 7.53
CA SER J 100 -33.74 23.67 8.69
C SER J 100 -34.91 22.72 8.73
N MET J 101 -34.71 21.54 9.29
CA MET J 101 -35.77 20.55 9.41
C MET J 101 -35.51 19.78 10.67
N LYS J 102 -36.55 19.47 11.42
CA LYS J 102 -36.34 18.70 12.65
C LYS J 102 -37.35 17.57 12.95
N ASN J 103 -36.87 16.60 13.73
CA ASN J 103 -37.68 15.43 14.14
C ASN J 103 -38.31 15.54 15.54
C1 GLA K . 48.61 -2.81 22.61
C2 GLA K . 47.77 -2.27 23.78
C3 GLA K . 46.51 -3.08 24.08
C4 GLA K . 45.70 -3.34 22.83
C5 GLA K . 46.67 -3.96 21.79
C6 GLA K . 45.90 -4.26 20.47
O1 GLA K . 49.24 -4.05 22.91
O2 GLA K . 48.49 -2.29 25.00
O3 GLA K . 45.69 -2.32 25.01
O4 GLA K . 45.17 -2.11 22.40
O5 GLA K . 47.73 -3.04 21.50
O6 GLA K . 46.77 -4.79 19.51
C1 GLA L . 51.60 -25.32 3.25
C2 GLA L . 51.77 -25.93 4.71
C3 GLA L . 50.39 -26.33 5.35
C4 GLA L . 49.35 -25.17 5.17
C5 GLA L . 49.28 -24.74 3.70
C6 GLA L . 48.36 -23.58 3.62
O1 GLA L . 51.24 -26.30 2.28
O2 GLA L . 52.65 -27.08 4.75
O3 GLA L . 50.60 -26.54 6.75
O4 GLA L . 49.67 -24.04 5.95
O5 GLA L . 50.57 -24.29 3.23
O6 GLA L . 48.20 -23.24 2.26
C1 GLA M . 33.78 -20.29 -19.57
C2 GLA M . 33.76 -21.87 -19.36
C3 GLA M . 32.67 -22.36 -18.35
C4 GLA M . 32.76 -21.55 -17.12
C5 GLA M . 32.57 -20.05 -17.48
C6 GLA M . 32.61 -19.19 -16.22
O1 GLA M . 32.72 -19.84 -20.36
O2 GLA M . 33.54 -22.58 -20.58
O3 GLA M . 32.82 -23.77 -18.00
O4 GLA M . 34.01 -21.76 -16.56
O5 GLA M . 33.63 -19.67 -18.31
O6 GLA M . 32.66 -17.89 -16.72
C1 GLA N . 19.27 4.95 -15.04
C2 GLA N . 18.34 3.95 -15.72
C3 GLA N . 17.49 3.21 -14.72
C4 GLA N . 18.34 2.62 -13.63
C5 GLA N . 19.16 3.68 -12.96
C6 GLA N . 20.10 3.09 -11.92
O1 GLA N . 18.43 6.03 -14.59
O2 GLA N . 17.44 4.59 -16.60
O3 GLA N . 16.78 2.17 -15.40
O4 GLA N . 19.21 1.63 -14.24
O5 GLA N . 19.97 4.34 -13.93
O6 GLA N . 20.61 4.19 -11.20
C7 I06 O . 18.92 7.28 -14.33
C8 I06 O . 18.81 7.79 -13.05
C9 I06 O . 19.37 9.03 -12.76
C10 I06 O . 20.03 9.77 -13.77
C11 I06 O . 20.13 9.23 -15.05
C12 I06 O . 19.58 7.99 -15.33
C13 I06 O . 19.26 9.55 -11.40
O13 I06 O . 18.73 8.97 -10.48
N14 I06 O . 19.81 10.72 -11.19
N15 I06 O . 20.47 11.49 -12.17
C16 I06 O . 20.64 11.08 -13.44
O16 I06 O . 21.25 11.78 -14.26
CA I06 O . 19.64 11.48 -9.98
CB I06 O . 20.66 10.91 -9.04
CG I06 O . 22.00 10.73 -9.71
CD1 I06 O . 22.85 11.81 -9.85
CD2 I06 O . 22.33 9.51 -10.32
CE1 I06 O . 24.01 11.72 -10.59
CE2 I06 O . 23.49 9.39 -11.08
CZ I06 O . 24.34 10.49 -11.22
C1 GLA P . 28.36 15.78 10.85
C2 GLA P . 26.92 16.01 10.62
C3 GLA P . 25.99 15.05 11.36
C4 GLA P . 26.46 13.69 10.93
C5 GLA P . 27.94 13.49 11.28
C6 GLA P . 28.45 12.16 10.84
O1 GLA P . 28.50 16.11 12.19
O2 GLA P . 26.65 17.31 11.15
O3 GLA P . 24.60 15.33 10.97
O4 GLA P . 26.28 13.68 9.50
O5 GLA P . 28.77 14.46 10.59
O6 GLA P . 29.69 11.98 11.46
C7 I06 Q . 29.68 16.47 12.70
C8 I06 Q . 30.26 15.68 13.66
C9 I06 Q . 31.58 15.88 14.01
C10 I06 Q . 32.33 16.89 13.37
C11 I06 Q . 31.73 17.68 12.38
C12 I06 Q . 30.43 17.46 12.06
C13 I06 Q . 32.20 15.01 15.05
O13 I06 Q . 31.62 14.11 15.64
N14 I06 Q . 33.48 15.27 15.33
N15 I06 Q . 34.25 16.29 14.70
C16 I06 Q . 33.75 17.10 13.72
O16 I06 Q . 34.46 17.93 13.20
CA I06 Q . 34.28 14.69 16.39
CB I06 Q . 34.89 13.43 15.83
CG I06 Q . 35.45 13.61 14.45
CD1 I06 Q . 36.74 14.10 14.28
CD2 I06 Q . 34.64 13.41 13.32
CE1 I06 Q . 37.23 14.42 12.99
CE2 I06 Q . 35.11 13.71 12.04
CZ I06 Q . 36.40 14.22 11.88
C1 GLA R . -7.32 22.04 10.33
C2 GLA R . -8.20 22.63 11.49
C3 GLA R . -9.44 21.73 11.87
C4 GLA R . -10.17 21.37 10.61
C5 GLA R . -9.19 20.77 9.57
C6 GLA R . -9.86 20.41 8.25
O1 GLA R . -6.53 20.94 10.77
O2 GLA R . -7.43 22.84 12.70
O3 GLA R . -10.27 22.54 12.68
O4 GLA R . -10.71 22.58 10.13
O5 GLA R . -8.15 21.67 9.25
O6 GLA R . -8.91 19.91 7.35
C1 GLA S . -2.70 -1.32 -7.34
C2 GLA S . -2.54 -1.78 -5.87
C3 GLA S . -3.87 -2.25 -5.20
C4 GLA S . -4.94 -1.17 -5.44
C5 GLA S . -5.00 -0.90 -6.99
C6 GLA S . -6.00 0.20 -7.14
O1 GLA S . -2.97 -2.38 -8.16
O2 GLA S . -1.68 -2.89 -5.85
O3 GLA S . -3.75 -2.48 -3.79
O4 GLA S . -4.67 0.04 -4.70
O5 GLA S . -3.78 -0.40 -7.51
O6 GLA S . -6.14 0.58 -8.47
C1 GLA T . -19.76 1.53 -30.80
C2 GLA T . -19.68 0.06 -30.43
C3 GLA T . -20.77 -0.40 -29.48
C4 GLA T . -20.78 0.55 -28.31
C5 GLA T . -21.02 1.94 -28.80
C6 GLA T . -20.90 2.95 -27.63
O1 GLA T . -20.91 1.78 -31.51
O2 GLA T . -19.89 -0.66 -31.61
O3 GLA T . -20.51 -1.74 -29.05
O4 GLA T . -19.61 0.54 -27.60
O5 GLA T . -19.97 2.35 -29.67
O6 GLA T . -21.52 4.15 -28.08
C1 GLA U . -35.36 26.67 -28.55
C2 GLA U . -36.18 25.62 -29.11
C3 GLA U . -37.06 24.89 -28.13
C4 GLA U . -36.19 24.37 -27.04
C5 GLA U . -35.53 25.62 -26.47
C6 GLA U . -34.70 25.19 -25.29
O1 GLA U . -36.28 27.66 -28.07
O2 GLA U . -37.12 26.21 -29.96
O3 GLA U . -37.78 23.81 -28.76
O4 GLA U . -35.34 23.40 -27.61
O5 GLA U . -34.64 26.19 -27.45
O6 GLA U . -34.16 26.34 -24.72
C7 I06 V . -35.98 28.97 -27.96
C8 I06 V . -36.08 29.55 -26.71
C9 I06 V . -35.54 30.80 -26.48
C10 I06 V . -34.85 31.47 -27.49
C11 I06 V . -34.74 30.88 -28.76
C12 I06 V . -35.30 29.62 -28.99
C13 I06 V . -35.67 31.38 -25.15
O13 I06 V . -36.25 30.85 -24.23
N14 I06 V . -35.11 32.56 -24.99
N15 I06 V . -34.42 33.27 -25.99
C16 I06 V . -34.25 32.79 -27.25
O16 I06 V . -33.62 33.44 -28.10
CA I06 V . -35.08 33.33 -23.74
CB I06 V . -34.04 32.68 -22.87
CG I06 V . -32.75 32.47 -23.57
CD1 I06 V . -31.87 33.52 -23.72
CD2 I06 V . -32.50 31.26 -24.24
CE1 I06 V . -30.75 33.38 -24.53
CE2 I06 V . -31.38 31.11 -25.05
CZ I06 V . -30.50 32.17 -25.20
C1 GLA W . -27.47 39.66 -2.87
C2 GLA W . -28.92 39.85 -3.10
C3 GLA W . -29.85 38.85 -2.45
C4 GLA W . -29.34 37.39 -2.69
C5 GLA W . -27.80 37.38 -2.39
C6 GLA W . -27.27 36.03 -2.87
O1 GLA W . -27.25 39.87 -1.52
O2 GLA W . -29.30 41.07 -2.53
O3 GLA W . -31.21 38.97 -2.96
O4 GLA W . -29.67 37.05 -4.06
O5 GLA W . -27.05 38.33 -3.13
O6 GLA W . -26.19 35.73 -2.09
C7 I06 X . -25.98 40.13 -1.14
C8 I06 X . -25.43 39.40 -0.11
C9 I06 X . -24.14 39.68 0.33
C10 I06 X . -23.39 40.72 -0.30
C11 I06 X . -23.98 41.45 -1.34
C12 I06 X . -25.27 41.16 -1.76
C13 I06 X . -23.57 38.89 1.41
O13 I06 X . -24.16 37.99 1.98
N14 I06 X . -22.33 39.23 1.78
N15 I06 X . -21.56 40.27 1.16
C16 I06 X . -22.02 41.03 0.15
O16 I06 X . -21.32 41.89 -0.35
CA I06 X . -21.50 38.48 2.71
CB I06 X . -21.02 37.23 2.02
CG I06 X . -20.41 37.48 0.66
CD1 I06 X . -19.10 37.96 0.57
CD2 I06 X . -21.16 37.32 -0.50
CE1 I06 X . -18.55 38.30 -0.66
CE2 I06 X . -20.63 37.65 -1.73
CZ I06 X . -19.32 38.15 -1.80
#